data_1X15
#
_entry.id   1X15
#
_cell.length_a   38.728
_cell.length_b   67.089
_cell.length_c   76.836
_cell.angle_alpha   67.22
_cell.angle_beta   80.19
_cell.angle_gamma   81.60
#
_symmetry.space_group_name_H-M   'P 1'
#
loop_
_entity.id
_entity.type
_entity.pdbx_description
1 polymer 'NAD(P) transhydrogenase subunit alpha'
2 non-polymer NICOTINAMIDE-ADENINE-DINUCLEOTIDE
3 water water
#
_entity_poly.entity_id   1
_entity_poly.type   'polypeptide(L)'
_entity_poly.pdbx_seq_one_letter_code
;MHHHHHHGRIGIPRERLTNETRVAATPKTVEQLLKLGFTVAVESGAGQLASFDDKAFVQAGAEIVEGNSVWQSEIILKVN
APLDDEIALLNPGTTLVSFIWPAQNPELMQKLAERNVTVMAMDSVPRISRAQSLDALSSMANIAGYRAIVEAAHEFGRFF
TGQITAAGKVPPAKVMVIGAGVAGLAAIGAANSLGAIVRAFDTRPEVKEQVQSMGAEFLELDFKEEAGSGDGYAKVMSDA
FIKAEMELFAAQAKEVDIIVTTALIPGKPAPKLITREMVDSMKAGSVIVDLAAQNGGNCEYTVPGEIFTTENGVKVIGYT
DLPGRLPTQSSQLYGTNLVNLLKLLCKEKDGNITVDFDDVVIRGVTVIRAGEITWPAPPIQVSAQPQAAQKAAPEVKTEE
K
;
_entity_poly.pdbx_strand_id   A,B
#
# COMPACT_ATOMS: atom_id res chain seq x y z
N GLY A 8 18.41 37.86 -10.70
CA GLY A 8 18.09 36.81 -9.64
C GLY A 8 17.59 35.50 -10.26
N ARG A 9 18.48 34.66 -10.78
CA ARG A 9 18.04 33.39 -11.43
C ARG A 9 18.19 32.19 -10.51
N ILE A 10 17.10 31.46 -10.32
CA ILE A 10 17.10 30.22 -9.54
C ILE A 10 17.17 29.08 -10.52
N GLY A 11 18.10 28.17 -10.31
CA GLY A 11 18.23 26.99 -11.12
C GLY A 11 17.82 25.78 -10.31
N ILE A 12 17.08 24.88 -10.94
CA ILE A 12 16.64 23.63 -10.35
C ILE A 12 17.26 22.53 -11.18
N PRO A 13 18.35 21.93 -10.73
CA PRO A 13 18.90 20.79 -11.46
C PRO A 13 18.08 19.50 -11.27
N ARG A 14 18.30 18.54 -12.17
CA ARG A 14 17.86 17.16 -12.01
C ARG A 14 18.66 16.55 -10.89
N GLU A 15 18.03 15.74 -10.06
CA GLU A 15 18.74 15.09 -8.96
C GLU A 15 19.53 13.92 -9.51
N ARG A 16 20.83 13.91 -9.24
CA ARG A 16 21.68 12.94 -9.87
C ARG A 16 22.07 11.79 -8.97
N LEU A 17 21.84 11.88 -7.65
CA LEU A 17 22.07 10.76 -6.75
C LEU A 17 21.25 9.59 -7.29
N THR A 18 21.86 8.42 -7.44
CA THR A 18 21.15 7.36 -8.14
C THR A 18 19.84 7.08 -7.40
N ASN A 19 18.80 6.83 -8.20
CA ASN A 19 17.47 6.43 -7.73
C ASN A 19 16.60 7.53 -7.06
N GLU A 20 17.09 8.77 -7.03
CA GLU A 20 16.38 9.92 -6.46
C GLU A 20 15.33 10.36 -7.43
N THR A 21 14.08 10.43 -6.95
CA THR A 21 12.91 10.72 -7.75
C THR A 21 12.35 12.11 -7.49
N ARG A 22 12.82 12.77 -6.44
CA ARG A 22 12.29 14.06 -6.05
C ARG A 22 12.96 15.18 -6.83
N VAL A 23 12.31 16.35 -6.85
CA VAL A 23 12.83 17.59 -7.42
C VAL A 23 12.58 18.73 -6.43
N ALA A 24 13.42 19.77 -6.45
CA ALA A 24 13.37 20.87 -5.52
C ALA A 24 12.27 21.87 -5.81
N ALA A 25 11.65 21.79 -6.98
CA ALA A 25 10.50 22.65 -7.27
C ALA A 25 9.52 21.94 -8.17
N THR A 26 8.24 22.28 -7.99
CA THR A 26 7.15 21.82 -8.82
C THR A 26 6.62 23.04 -9.59
N PRO A 27 5.79 22.80 -10.59
CA PRO A 27 5.11 23.91 -11.28
C PRO A 27 4.43 24.88 -10.27
N LYS A 28 3.79 24.38 -9.23
CA LYS A 28 3.14 25.22 -8.23
C LYS A 28 4.13 26.07 -7.42
N THR A 29 5.26 25.51 -7.01
CA THR A 29 6.24 26.33 -6.28
C THR A 29 7.01 27.32 -7.20
N VAL A 30 7.15 27.00 -8.49
CA VAL A 30 7.76 27.89 -9.46
C VAL A 30 6.93 29.20 -9.59
N GLU A 31 5.62 29.08 -9.74
CA GLU A 31 4.76 30.27 -9.73
C GLU A 31 5.05 31.07 -8.47
N GLN A 32 5.27 30.40 -7.33
CA GLN A 32 5.59 31.09 -6.09
C GLN A 32 6.95 31.79 -6.17
N LEU A 33 7.96 31.16 -6.73
CA LEU A 33 9.27 31.76 -6.85
C LEU A 33 9.20 32.99 -7.78
N LEU A 34 8.31 32.98 -8.78
CA LEU A 34 8.15 34.14 -9.66
C LEU A 34 7.51 35.34 -8.93
N LYS A 35 6.53 35.08 -8.08
CA LYS A 35 5.97 36.15 -7.25
C LYS A 35 6.99 36.80 -6.33
N LEU A 36 8.09 36.09 -6.06
CA LEU A 36 9.18 36.60 -5.24
C LEU A 36 10.17 37.45 -6.02
N GLY A 37 10.00 37.57 -7.33
CA GLY A 37 10.81 38.45 -8.16
C GLY A 37 11.93 37.71 -8.83
N PHE A 38 11.96 36.39 -8.67
CA PHE A 38 13.00 35.59 -9.28
C PHE A 38 12.57 35.13 -10.68
N THR A 39 13.54 34.75 -11.49
CA THR A 39 13.25 33.92 -12.64
C THR A 39 13.75 32.53 -12.32
N VAL A 40 13.29 31.55 -13.09
CA VAL A 40 13.59 30.16 -12.85
C VAL A 40 13.94 29.40 -14.12
N ALA A 41 15.02 28.65 -14.03
CA ALA A 41 15.40 27.70 -15.02
C ALA A 41 15.36 26.34 -14.36
N VAL A 42 14.70 25.41 -15.02
CA VAL A 42 14.68 24.04 -14.62
C VAL A 42 15.40 23.19 -15.65
N GLU A 43 16.30 22.32 -15.21
CA GLU A 43 16.95 21.39 -16.12
C GLU A 43 15.94 20.40 -16.66
N SER A 44 16.02 20.12 -17.96
CA SER A 44 15.15 19.19 -18.62
C SER A 44 15.17 17.84 -17.91
N GLY A 45 13.99 17.29 -17.66
CA GLY A 45 13.88 15.95 -17.07
C GLY A 45 13.86 15.92 -15.55
N ALA A 46 14.15 17.05 -14.92
CA ALA A 46 14.32 17.15 -13.46
C ALA A 46 13.10 16.68 -12.66
N GLY A 47 11.90 17.02 -13.14
CA GLY A 47 10.65 16.65 -12.45
C GLY A 47 9.99 15.36 -12.93
N GLN A 48 10.61 14.70 -13.91
CA GLN A 48 10.02 13.56 -14.59
C GLN A 48 9.56 12.44 -13.66
N LEU A 49 10.43 12.04 -12.75
CA LEU A 49 10.13 10.93 -11.88
C LEU A 49 9.14 11.34 -10.81
N ALA A 50 8.90 12.65 -10.64
CA ALA A 50 7.90 13.16 -9.71
C ALA A 50 6.59 13.53 -10.41
N SER A 51 6.52 13.16 -11.70
CA SER A 51 5.38 13.39 -12.61
C SER A 51 5.22 14.81 -13.12
N PHE A 52 6.31 15.57 -13.13
CA PHE A 52 6.27 16.91 -13.67
C PHE A 52 7.14 16.96 -14.92
N ASP A 53 6.51 16.99 -16.09
CA ASP A 53 7.30 17.04 -17.32
C ASP A 53 7.71 18.49 -17.61
N ASP A 54 8.61 18.65 -18.59
CA ASP A 54 9.15 19.95 -18.96
C ASP A 54 8.09 20.97 -19.25
N LYS A 55 7.04 20.60 -19.96
CA LYS A 55 6.02 21.58 -20.31
C LYS A 55 5.13 22.02 -19.14
N ALA A 56 4.96 21.19 -18.12
CA ALA A 56 4.28 21.66 -16.92
C ALA A 56 5.11 22.75 -16.20
N PHE A 57 6.44 22.65 -16.25
CA PHE A 57 7.29 23.76 -15.74
C PHE A 57 7.21 25.04 -16.58
N VAL A 58 7.15 24.89 -17.90
CA VAL A 58 7.07 26.00 -18.85
C VAL A 58 5.76 26.71 -18.64
N GLN A 59 4.69 25.92 -18.52
CA GLN A 59 3.37 26.46 -18.24
C GLN A 59 3.39 27.34 -16.98
N ALA A 60 4.14 26.92 -15.95
CA ALA A 60 4.28 27.72 -14.72
C ALA A 60 5.13 28.98 -14.82
N GLY A 61 6.00 29.07 -15.81
CA GLY A 61 6.76 30.29 -16.04
C GLY A 61 8.26 30.13 -15.98
N ALA A 62 8.72 28.90 -15.84
CA ALA A 62 10.13 28.58 -15.82
C ALA A 62 10.64 28.39 -17.24
N GLU A 63 11.95 28.51 -17.40
CA GLU A 63 12.62 28.21 -18.66
C GLU A 63 13.27 26.84 -18.53
N ILE A 64 13.21 26.04 -19.58
CA ILE A 64 13.87 24.75 -19.60
C ILE A 64 15.24 24.94 -20.18
N VAL A 65 16.22 24.31 -19.55
CA VAL A 65 17.61 24.38 -19.99
C VAL A 65 18.21 22.97 -19.96
N GLU A 66 19.29 22.79 -20.68
CA GLU A 66 19.89 21.49 -20.87
C GLU A 66 21.34 21.50 -20.45
N GLY A 67 21.87 20.32 -20.19
CA GLY A 67 23.25 20.22 -19.75
C GLY A 67 23.36 20.97 -18.44
N ASN A 68 24.55 21.48 -18.21
CA ASN A 68 24.89 22.12 -16.95
C ASN A 68 24.63 23.65 -16.98
N SER A 69 23.83 24.09 -17.94
CA SER A 69 23.46 25.49 -17.99
C SER A 69 22.76 25.87 -16.69
N VAL A 70 22.07 24.92 -16.04
CA VAL A 70 21.30 25.24 -14.86
C VAL A 70 22.17 25.75 -13.73
N TRP A 71 23.39 25.23 -13.61
CA TRP A 71 24.36 25.68 -12.61
C TRP A 71 24.87 27.13 -12.78
N GLN A 72 24.50 27.78 -13.87
CA GLN A 72 24.80 29.21 -14.10
C GLN A 72 23.65 30.06 -13.64
N SER A 73 23.33 29.95 -12.35
CA SER A 73 22.27 30.73 -11.73
C SER A 73 22.79 31.26 -10.41
N GLU A 74 22.22 32.38 -9.96
CA GLU A 74 22.56 32.97 -8.66
C GLU A 74 22.22 32.01 -7.50
N ILE A 75 21.12 31.26 -7.61
CA ILE A 75 20.74 30.31 -6.56
C ILE A 75 20.35 28.95 -7.12
N ILE A 76 20.83 27.90 -6.48
CA ILE A 76 20.54 26.54 -6.84
C ILE A 76 19.68 25.97 -5.71
N LEU A 77 18.53 25.39 -6.08
CA LEU A 77 17.73 24.64 -5.17
C LEU A 77 17.82 23.19 -5.60
N LYS A 78 18.23 22.37 -4.63
CA LYS A 78 18.32 20.93 -4.77
C LYS A 78 17.73 20.16 -3.54
N VAL A 79 17.49 18.88 -3.72
CA VAL A 79 17.12 17.95 -2.64
C VAL A 79 18.39 17.50 -1.96
N ASN A 80 19.28 16.81 -2.68
CA ASN A 80 20.48 16.26 -2.07
C ASN A 80 21.65 17.15 -2.40
N ALA A 81 22.70 16.98 -1.61
CA ALA A 81 23.91 17.77 -1.76
C ALA A 81 24.55 17.43 -3.08
N PRO A 82 25.23 18.40 -3.66
CA PRO A 82 25.94 18.17 -4.93
C PRO A 82 26.92 17.02 -4.75
N LEU A 83 27.01 16.15 -5.75
CA LEU A 83 27.99 15.09 -5.75
C LEU A 83 29.33 15.73 -6.04
N ASP A 84 30.41 14.94 -5.95
CA ASP A 84 31.76 15.46 -6.20
C ASP A 84 31.84 16.16 -7.57
N ASP A 85 31.33 15.50 -8.60
CA ASP A 85 31.43 16.03 -9.94
C ASP A 85 30.47 17.22 -10.22
N GLU A 86 29.56 17.53 -9.29
CA GLU A 86 28.72 18.73 -9.38
C GLU A 86 29.27 19.92 -8.56
N ILE A 87 30.18 19.66 -7.64
CA ILE A 87 30.71 20.74 -6.83
C ILE A 87 31.51 21.73 -7.69
N ALA A 88 32.23 21.20 -8.69
CA ALA A 88 33.02 22.04 -9.65
C ALA A 88 32.15 23.05 -10.41
N LEU A 89 30.89 22.66 -10.62
CA LEU A 89 29.95 23.49 -11.33
C LEU A 89 29.41 24.67 -10.53
N LEU A 90 29.56 24.70 -9.21
CA LEU A 90 29.18 25.91 -8.44
C LEU A 90 30.14 27.04 -8.76
N ASN A 91 29.59 28.20 -9.13
CA ASN A 91 30.34 29.42 -9.34
C ASN A 91 30.35 30.26 -8.05
N PRO A 92 31.45 30.94 -7.75
CA PRO A 92 31.51 31.94 -6.65
C PRO A 92 30.33 32.92 -6.55
N GLY A 93 29.82 33.14 -5.34
CA GLY A 93 28.67 34.01 -5.08
C GLY A 93 27.29 33.35 -5.30
N THR A 94 27.29 32.07 -5.65
CA THR A 94 26.05 31.30 -5.82
C THR A 94 25.54 30.95 -4.44
N THR A 95 24.24 30.87 -4.29
CA THR A 95 23.66 30.38 -3.03
C THR A 95 23.00 29.04 -3.24
N LEU A 96 23.52 27.99 -2.62
CA LEU A 96 22.99 26.65 -2.71
C LEU A 96 22.11 26.32 -1.48
N VAL A 97 20.88 25.89 -1.75
CA VAL A 97 19.95 25.42 -0.73
C VAL A 97 19.73 23.94 -0.99
N SER A 98 20.19 23.08 -0.10
CA SER A 98 19.85 21.66 -0.11
C SER A 98 19.99 21.03 1.25
N PHE A 99 19.63 19.77 1.38
CA PHE A 99 20.20 18.94 2.43
C PHE A 99 21.71 18.78 2.30
N ILE A 100 22.38 18.87 3.46
CA ILE A 100 23.84 18.93 3.57
C ILE A 100 24.35 18.06 4.67
N TRP A 101 23.72 18.14 5.85
CA TRP A 101 24.11 17.33 7.00
C TRP A 101 25.57 17.61 7.32
N PRO A 102 25.89 18.84 7.76
CA PRO A 102 27.29 19.26 7.93
C PRO A 102 28.06 18.45 8.98
N ALA A 103 27.44 18.07 10.09
CA ALA A 103 28.13 17.39 11.17
C ALA A 103 28.63 16.04 10.73
N GLN A 104 27.94 15.41 9.77
CA GLN A 104 28.28 14.06 9.31
C GLN A 104 29.17 14.10 8.07
N ASN A 105 29.46 15.28 7.51
CA ASN A 105 30.22 15.42 6.28
C ASN A 105 31.18 16.62 6.26
N PRO A 106 32.29 16.55 7.00
CA PRO A 106 33.34 17.60 6.93
C PRO A 106 34.07 17.68 5.57
N GLU A 107 34.21 16.52 4.96
CA GLU A 107 34.80 16.42 3.63
C GLU A 107 33.94 17.25 2.65
N LEU A 108 32.62 16.99 2.61
CA LEU A 108 31.68 17.82 1.80
C LEU A 108 31.72 19.33 2.14
N MET A 109 31.63 19.72 3.41
CA MET A 109 31.73 21.16 3.79
C MET A 109 33.04 21.81 3.32
N GLN A 110 34.18 21.11 3.40
CA GLN A 110 35.46 21.66 2.84
C GLN A 110 35.29 21.92 1.33
N LYS A 111 34.89 20.89 0.59
CA LYS A 111 34.75 21.05 -0.87
C LYS A 111 33.87 22.25 -1.24
N LEU A 112 32.75 22.49 -0.53
CA LEU A 112 31.85 23.63 -0.85
C LEU A 112 32.40 25.00 -0.49
N ALA A 113 33.16 25.07 0.60
CA ALA A 113 33.76 26.34 1.03
C ALA A 113 34.79 26.90 0.02
N GLU A 114 35.58 26.02 -0.61
CA GLU A 114 36.58 26.43 -1.64
C GLU A 114 35.96 26.91 -2.96
N ARG A 115 34.63 27.07 -2.96
CA ARG A 115 33.87 27.47 -4.11
C ARG A 115 33.33 28.87 -3.94
N ASN A 116 33.46 29.43 -2.74
CA ASN A 116 33.11 30.82 -2.48
C ASN A 116 31.60 31.07 -2.62
N VAL A 117 30.84 30.03 -2.28
CA VAL A 117 29.38 30.07 -2.27
C VAL A 117 28.82 30.15 -0.85
N THR A 118 27.55 30.55 -0.77
CA THR A 118 26.75 30.54 0.44
C THR A 118 25.91 29.24 0.42
N VAL A 119 25.84 28.52 1.52
CA VAL A 119 25.13 27.25 1.55
C VAL A 119 24.15 27.22 2.71
N MET A 120 22.95 26.76 2.41
CA MET A 120 21.88 26.69 3.38
C MET A 120 21.45 25.25 3.43
N ALA A 121 21.61 24.64 4.60
CA ALA A 121 21.30 23.25 4.83
C ALA A 121 19.88 23.17 5.36
N MET A 122 19.00 22.58 4.58
CA MET A 122 17.63 22.31 5.01
C MET A 122 17.50 21.40 6.26
N ASP A 123 18.44 20.50 6.50
CA ASP A 123 18.51 19.77 7.76
C ASP A 123 18.80 20.62 9.00
N SER A 124 19.32 21.84 8.84
CA SER A 124 19.68 22.71 9.97
C SER A 124 18.70 23.83 10.24
N VAL A 125 17.46 23.63 9.83
CA VAL A 125 16.41 24.58 10.21
C VAL A 125 16.19 24.48 11.73
N PRO A 126 16.24 25.58 12.46
CA PRO A 126 15.98 25.53 13.91
C PRO A 126 14.59 24.95 14.21
N ARG A 127 14.50 24.05 15.18
CA ARG A 127 13.19 23.47 15.58
C ARG A 127 12.48 24.43 16.54
N ILE A 128 12.04 25.56 16.00
CA ILE A 128 11.28 26.56 16.75
C ILE A 128 10.00 26.82 15.97
N SER A 129 9.03 27.47 16.62
CA SER A 129 7.64 27.52 16.16
C SER A 129 7.50 28.22 14.83
N ARG A 130 8.15 29.37 14.70
CA ARG A 130 8.03 30.18 13.48
C ARG A 130 8.70 29.58 12.26
N ALA A 131 9.46 28.48 12.44
CA ALA A 131 10.22 27.83 11.35
C ALA A 131 9.54 26.56 10.82
N GLN A 132 8.36 26.23 11.36
CA GLN A 132 7.64 25.02 10.97
C GLN A 132 7.33 24.97 9.45
N SER A 133 6.97 26.12 8.88
CA SER A 133 6.65 26.19 7.46
C SER A 133 7.88 25.99 6.53
N LEU A 134 9.09 25.98 7.10
CA LEU A 134 10.37 25.75 6.39
C LEU A 134 11.02 24.42 6.77
N ASP A 135 10.41 23.68 7.70
CA ASP A 135 11.03 22.51 8.33
C ASP A 135 10.91 21.28 7.39
N ALA A 136 11.95 21.06 6.59
CA ALA A 136 11.99 20.01 5.60
C ALA A 136 12.09 18.66 6.24
N LEU A 137 12.77 18.55 7.37
CA LEU A 137 12.87 17.25 8.06
C LEU A 137 11.48 16.79 8.50
N SER A 138 10.66 17.73 8.95
CA SER A 138 9.33 17.41 9.37
C SER A 138 8.36 17.10 8.20
N SER A 139 8.43 17.90 7.13
CA SER A 139 7.76 17.59 5.87
C SER A 139 8.01 16.15 5.44
N MET A 140 9.26 15.77 5.37
CA MET A 140 9.66 14.46 4.88
C MET A 140 9.28 13.29 5.84
N ALA A 141 9.35 13.52 7.12
CA ALA A 141 8.92 12.55 8.12
C ALA A 141 7.45 12.31 8.11
N ASN A 142 6.63 13.36 7.92
CA ASN A 142 5.20 13.19 7.83
C ASN A 142 4.86 12.32 6.60
N ILE A 143 5.54 12.59 5.49
CA ILE A 143 5.39 11.73 4.30
C ILE A 143 5.86 10.30 4.55
N ALA A 144 6.98 10.12 5.21
CA ALA A 144 7.53 8.77 5.49
C ALA A 144 6.60 7.93 6.36
N GLY A 145 5.92 8.57 7.30
CA GLY A 145 5.07 7.85 8.23
C GLY A 145 3.82 7.36 7.56
N TYR A 146 3.26 8.17 6.66
CA TYR A 146 2.08 7.78 5.85
C TYR A 146 2.50 6.65 4.91
N ARG A 147 3.63 6.85 4.28
CA ARG A 147 4.08 5.91 3.28
C ARG A 147 4.42 4.55 3.89
N ALA A 148 4.87 4.54 5.15
CA ALA A 148 5.19 3.33 5.84
C ALA A 148 4.00 2.43 5.94
N ILE A 149 2.84 3.02 6.19
CA ILE A 149 1.60 2.28 6.30
C ILE A 149 1.12 1.82 4.93
N VAL A 150 1.33 2.63 3.88
CA VAL A 150 1.06 2.18 2.52
C VAL A 150 1.94 0.97 2.19
N GLU A 151 3.19 1.01 2.62
CA GLU A 151 4.12 -0.04 2.31
C GLU A 151 3.74 -1.29 3.10
N ALA A 152 3.28 -1.11 4.34
CA ALA A 152 2.83 -2.24 5.17
C ALA A 152 1.57 -2.88 4.59
N ALA A 153 0.61 -2.07 4.15
CA ALA A 153 -0.58 -2.59 3.50
C ALA A 153 -0.27 -3.36 2.20
N HIS A 154 0.73 -2.92 1.47
CA HIS A 154 1.08 -3.62 0.25
C HIS A 154 1.68 -5.02 0.50
N GLU A 155 2.46 -5.17 1.55
CA GLU A 155 3.07 -6.43 1.92
C GLU A 155 2.20 -7.27 2.81
N PHE A 156 1.23 -6.67 3.48
CA PHE A 156 0.36 -7.46 4.35
C PHE A 156 -0.66 -8.28 3.49
N GLY A 157 -0.79 -9.57 3.86
CA GLY A 157 -1.66 -10.49 3.20
C GLY A 157 -3.06 -10.56 3.80
N ARG A 158 -3.39 -9.71 4.75
CA ARG A 158 -4.76 -9.63 5.30
C ARG A 158 -5.35 -8.20 5.19
N PHE A 159 -6.66 -8.06 5.41
CA PHE A 159 -7.32 -6.78 5.54
C PHE A 159 -6.67 -5.98 6.70
N PHE A 160 -6.46 -4.67 6.52
CA PHE A 160 -6.18 -3.78 7.65
C PHE A 160 -7.50 -3.52 8.38
N THR A 161 -8.58 -3.42 7.62
CA THR A 161 -9.84 -2.95 8.11
C THR A 161 -10.71 -4.12 8.56
N GLY A 162 -11.21 -4.04 9.78
CA GLY A 162 -12.26 -4.92 10.25
C GLY A 162 -13.44 -4.82 9.33
N GLN A 163 -14.11 -5.94 9.10
CA GLN A 163 -15.41 -5.90 8.42
C GLN A 163 -16.18 -7.18 8.63
N ILE A 164 -17.46 -7.13 8.29
CA ILE A 164 -18.33 -8.27 8.35
C ILE A 164 -18.60 -8.58 6.89
N THR A 165 -18.28 -9.80 6.49
CA THR A 165 -18.56 -10.27 5.13
C THR A 165 -19.58 -11.39 5.31
N ALA A 166 -20.18 -11.83 4.22
CA ALA A 166 -21.02 -13.05 4.25
C ALA A 166 -20.18 -14.28 4.63
N ALA A 167 -18.87 -14.24 4.35
CA ALA A 167 -17.96 -15.33 4.74
C ALA A 167 -17.31 -15.12 6.10
N GLY A 168 -17.90 -14.30 6.94
CA GLY A 168 -17.41 -14.17 8.32
C GLY A 168 -16.91 -12.81 8.73
N LYS A 169 -16.72 -12.66 10.04
CA LYS A 169 -16.32 -11.40 10.61
C LYS A 169 -14.81 -11.37 10.59
N VAL A 170 -14.24 -10.31 10.03
CA VAL A 170 -12.78 -10.16 9.92
C VAL A 170 -12.30 -9.15 10.96
N PRO A 171 -11.39 -9.51 11.85
CA PRO A 171 -10.88 -8.53 12.80
C PRO A 171 -9.94 -7.47 12.16
N PRO A 172 -9.85 -6.27 12.72
CA PRO A 172 -8.85 -5.29 12.30
C PRO A 172 -7.44 -5.77 12.62
N ALA A 173 -6.52 -5.27 11.81
CA ALA A 173 -5.09 -5.49 12.06
C ALA A 173 -4.72 -4.72 13.30
N LYS A 174 -3.73 -5.22 14.03
CA LYS A 174 -3.22 -4.54 15.20
C LYS A 174 -1.84 -3.96 14.83
N VAL A 175 -1.62 -2.68 15.12
CA VAL A 175 -0.44 -1.94 14.69
C VAL A 175 0.26 -1.34 15.92
N MET A 176 1.56 -1.54 16.06
CA MET A 176 2.30 -0.88 17.10
C MET A 176 3.25 0.09 16.43
N VAL A 177 3.29 1.31 16.93
CA VAL A 177 4.17 2.34 16.40
C VAL A 177 5.10 2.77 17.53
N ILE A 178 6.39 2.68 17.29
CA ILE A 178 7.41 3.01 18.27
C ILE A 178 8.06 4.31 17.85
N GLY A 179 7.91 5.32 18.70
CA GLY A 179 8.34 6.66 18.41
C GLY A 179 7.11 7.36 17.93
N ALA A 180 6.73 8.41 18.63
CA ALA A 180 5.57 9.25 18.30
C ALA A 180 6.00 10.69 18.00
N GLY A 181 7.20 10.86 17.45
CA GLY A 181 7.55 12.06 16.73
C GLY A 181 6.76 12.16 15.43
N VAL A 182 7.25 12.96 14.49
CA VAL A 182 6.44 13.32 13.33
C VAL A 182 6.08 12.13 12.45
N ALA A 183 7.03 11.26 12.23
CA ALA A 183 6.83 10.10 11.38
C ALA A 183 5.83 9.16 12.08
N GLY A 184 6.02 8.95 13.37
CA GLY A 184 5.14 8.06 14.11
C GLY A 184 3.70 8.48 14.15
N LEU A 185 3.48 9.75 14.41
CA LEU A 185 2.13 10.31 14.40
C LEU A 185 1.46 10.14 13.04
N ALA A 186 2.22 10.31 11.96
CA ALA A 186 1.69 10.12 10.61
C ALA A 186 1.31 8.66 10.38
N ALA A 187 2.13 7.71 10.86
CA ALA A 187 1.81 6.28 10.82
C ALA A 187 0.58 5.92 11.62
N ILE A 188 0.52 6.42 12.86
CA ILE A 188 -0.70 6.30 13.67
C ILE A 188 -1.95 6.79 12.96
N GLY A 189 -1.85 7.97 12.34
CA GLY A 189 -2.97 8.55 11.65
C GLY A 189 -3.42 7.72 10.46
N ALA A 190 -2.48 7.33 9.60
CA ALA A 190 -2.80 6.46 8.47
C ALA A 190 -3.37 5.08 8.90
N ALA A 191 -2.79 4.48 9.93
CA ALA A 191 -3.25 3.17 10.37
C ALA A 191 -4.64 3.27 10.99
N ASN A 192 -4.84 4.32 11.76
CA ASN A 192 -6.17 4.54 12.33
C ASN A 192 -7.22 4.81 11.28
N SER A 193 -6.86 5.55 10.22
CA SER A 193 -7.76 5.79 9.09
C SER A 193 -8.17 4.45 8.41
N LEU A 194 -7.24 3.52 8.30
CA LEU A 194 -7.56 2.17 7.83
C LEU A 194 -8.29 1.25 8.81
N GLY A 195 -8.67 1.74 9.99
CA GLY A 195 -9.48 0.97 10.92
C GLY A 195 -8.72 -0.06 11.77
N ALA A 196 -7.39 0.04 11.79
CA ALA A 196 -6.56 -0.80 12.65
C ALA A 196 -6.70 -0.43 14.11
N ILE A 197 -6.33 -1.36 14.97
CA ILE A 197 -6.16 -1.06 16.38
C ILE A 197 -4.72 -0.70 16.52
N VAL A 198 -4.47 0.57 16.86
CA VAL A 198 -3.15 1.13 16.86
C VAL A 198 -2.69 1.43 18.28
N ARG A 199 -1.46 1.02 18.57
CA ARG A 199 -0.80 1.26 19.84
C ARG A 199 0.53 1.91 19.54
N ALA A 200 0.99 2.75 20.45
CA ALA A 200 2.16 3.56 20.23
C ALA A 200 2.93 3.64 21.50
N PHE A 201 4.24 3.43 21.44
CA PHE A 201 5.09 3.83 22.54
C PHE A 201 6.07 4.96 22.20
N ASP A 202 6.19 5.91 23.13
CA ASP A 202 7.20 6.95 23.08
C ASP A 202 7.71 7.18 24.52
N THR A 203 9.03 7.30 24.68
CA THR A 203 9.60 7.59 26.00
C THR A 203 9.11 8.92 26.61
N ARG A 204 8.87 9.92 25.79
CA ARG A 204 8.37 11.21 26.30
C ARG A 204 6.89 11.15 26.67
N PRO A 205 6.55 11.34 27.95
CA PRO A 205 5.14 11.27 28.40
C PRO A 205 4.22 12.40 27.93
N GLU A 206 4.80 13.52 27.52
CA GLU A 206 4.09 14.71 27.04
C GLU A 206 3.23 14.44 25.82
N VAL A 207 3.61 13.46 25.00
CA VAL A 207 2.92 13.18 23.73
C VAL A 207 1.65 12.32 23.89
N LYS A 208 1.31 11.92 25.12
CA LYS A 208 0.23 10.96 25.35
C LYS A 208 -1.11 11.45 24.83
N GLU A 209 -1.41 12.73 25.01
CA GLU A 209 -2.71 13.29 24.57
C GLU A 209 -2.81 13.41 23.03
N GLN A 210 -1.68 13.67 22.38
CA GLN A 210 -1.61 13.68 20.91
C GLN A 210 -2.02 12.28 20.40
N VAL A 211 -1.24 11.27 20.81
CA VAL A 211 -1.48 9.86 20.49
C VAL A 211 -2.93 9.47 20.77
N GLN A 212 -3.43 9.81 21.96
CA GLN A 212 -4.79 9.43 22.34
C GLN A 212 -5.91 10.07 21.54
N SER A 213 -5.68 11.30 21.10
CA SER A 213 -6.60 12.04 20.23
C SER A 213 -6.68 11.50 18.79
N MET A 214 -5.60 10.86 18.32
CA MET A 214 -5.56 10.20 17.02
C MET A 214 -6.04 8.75 17.10
N GLY A 215 -6.54 8.36 18.27
CA GLY A 215 -7.28 7.15 18.48
C GLY A 215 -6.45 5.97 18.89
N ALA A 216 -5.17 6.20 19.23
CA ALA A 216 -4.26 5.10 19.56
C ALA A 216 -4.11 4.94 21.08
N GLU A 217 -3.86 3.72 21.50
CA GLU A 217 -3.52 3.50 22.90
C GLU A 217 -2.07 3.89 23.16
N PHE A 218 -1.87 4.72 24.18
CA PHE A 218 -0.54 5.05 24.66
C PHE A 218 -0.04 3.95 25.60
N LEU A 219 1.01 3.24 25.20
CA LEU A 219 1.54 2.12 25.98
C LEU A 219 2.36 2.65 27.17
N GLU A 220 2.02 2.18 28.37
CA GLU A 220 2.74 2.48 29.61
C GLU A 220 3.64 1.31 30.01
N LEU A 221 4.80 1.61 30.58
CA LEU A 221 5.71 0.56 31.06
C LEU A 221 5.40 -0.02 32.47
N ASP A 222 5.80 -1.29 32.69
CA ASP A 222 5.69 -2.02 33.97
C ASP A 222 6.39 -1.25 35.11
N PHE A 223 7.72 -1.46 35.26
CA PHE A 223 8.62 -0.48 35.89
C PHE A 223 8.39 -0.19 37.39
N GLY A 230 18.36 10.71 38.17
CA GLY A 230 17.18 11.26 38.81
C GLY A 230 16.28 12.00 37.83
N ASP A 231 16.85 12.60 36.79
CA ASP A 231 16.01 13.24 35.77
C ASP A 231 15.45 12.26 34.69
N GLY A 232 14.59 12.75 33.79
CA GLY A 232 14.03 11.92 32.75
C GLY A 232 15.08 11.23 31.89
N TYR A 233 16.02 12.03 31.38
CA TYR A 233 17.14 11.54 30.59
C TYR A 233 17.79 10.32 31.23
N ALA A 234 18.14 10.41 32.53
CA ALA A 234 18.76 9.30 33.26
C ALA A 234 17.82 8.09 33.37
N LYS A 235 16.54 8.32 33.50
CA LYS A 235 15.59 7.19 33.60
C LYS A 235 15.54 6.44 32.27
N VAL A 236 15.32 7.13 31.15
CA VAL A 236 15.27 6.45 29.84
C VAL A 236 16.59 5.74 29.48
N MET A 237 17.72 6.13 30.10
CA MET A 237 19.02 5.51 29.87
C MET A 237 19.33 4.38 30.86
N SER A 238 18.54 4.28 31.94
CA SER A 238 18.78 3.28 33.00
C SER A 238 18.51 1.86 32.52
N ASP A 239 19.16 0.91 33.16
CA ASP A 239 19.03 -0.49 32.80
C ASP A 239 17.62 -0.95 33.03
N ALA A 240 17.01 -0.49 34.11
CA ALA A 240 15.65 -0.86 34.45
C ALA A 240 14.65 -0.47 33.36
N PHE A 241 14.77 0.76 32.83
CA PHE A 241 13.84 1.30 31.82
C PHE A 241 13.97 0.56 30.50
N ILE A 242 15.20 0.33 30.08
CA ILE A 242 15.48 -0.38 28.86
C ILE A 242 15.03 -1.82 28.99
N LYS A 243 14.94 -2.36 30.20
CA LYS A 243 14.44 -3.72 30.41
C LYS A 243 12.92 -3.73 30.30
N ALA A 244 12.27 -2.79 30.99
CA ALA A 244 10.83 -2.64 30.87
C ALA A 244 10.33 -2.35 29.43
N GLU A 245 11.16 -1.65 28.66
CA GLU A 245 10.81 -1.17 27.36
C GLU A 245 10.89 -2.35 26.40
N MET A 246 11.98 -3.12 26.48
CA MET A 246 12.12 -4.32 25.65
C MET A 246 11.12 -5.44 25.97
N GLU A 247 10.69 -5.52 27.23
CA GLU A 247 9.69 -6.50 27.62
C GLU A 247 8.35 -6.08 27.05
N LEU A 248 8.08 -4.78 27.06
CA LEU A 248 6.86 -4.24 26.45
C LEU A 248 6.80 -4.64 24.98
N PHE A 249 7.93 -4.51 24.28
CA PHE A 249 7.98 -4.70 22.86
C PHE A 249 7.87 -6.18 22.54
N ALA A 250 8.54 -7.01 23.34
CA ALA A 250 8.54 -8.44 23.15
C ALA A 250 7.11 -8.94 23.23
N ALA A 251 6.32 -8.37 24.15
CA ALA A 251 4.95 -8.77 24.39
C ALA A 251 3.99 -8.27 23.34
N GLN A 252 4.20 -7.04 22.89
CA GLN A 252 3.39 -6.50 21.80
C GLN A 252 3.66 -7.28 20.53
N ALA A 253 4.91 -7.58 20.27
CA ALA A 253 5.31 -8.33 19.12
C ALA A 253 4.43 -9.57 19.00
N LYS A 254 4.13 -10.23 20.12
CA LYS A 254 3.40 -11.50 20.07
C LYS A 254 2.00 -11.33 19.59
N GLU A 255 1.39 -10.18 19.81
CA GLU A 255 0.00 -10.01 19.40
C GLU A 255 -0.39 -9.02 18.28
N VAL A 256 0.54 -8.16 17.85
CA VAL A 256 0.27 -7.23 16.77
C VAL A 256 0.68 -7.86 15.43
N ASP A 257 0.11 -7.31 14.35
CA ASP A 257 0.44 -7.69 12.99
C ASP A 257 1.48 -6.79 12.29
N ILE A 258 1.49 -5.50 12.62
CA ILE A 258 2.33 -4.50 11.99
C ILE A 258 3.14 -3.75 13.07
N ILE A 259 4.45 -3.60 12.87
CA ILE A 259 5.22 -2.69 13.71
C ILE A 259 5.90 -1.66 12.79
N VAL A 260 5.68 -0.37 13.09
CA VAL A 260 6.41 0.72 12.47
C VAL A 260 7.39 1.27 13.51
N THR A 261 8.70 1.22 13.24
CA THR A 261 9.74 1.83 14.11
C THR A 261 10.33 3.09 13.51
N THR A 262 10.44 4.14 14.31
CA THR A 262 10.83 5.49 13.84
C THR A 262 11.92 6.12 14.71
N ALA A 263 12.65 5.31 15.50
CA ALA A 263 13.67 5.83 16.46
C ALA A 263 15.03 6.12 15.79
N LEU A 264 15.21 7.36 15.37
CA LEU A 264 16.32 7.71 14.51
C LEU A 264 16.84 9.03 14.99
N ILE A 265 18.14 9.11 15.29
CA ILE A 265 18.83 10.41 15.47
C ILE A 265 19.97 10.49 14.45
N PRO A 266 20.02 11.55 13.64
CA PRO A 266 21.05 11.66 12.59
C PRO A 266 22.49 11.49 13.10
N GLY A 267 23.29 10.71 12.37
CA GLY A 267 24.70 10.52 12.69
C GLY A 267 25.03 9.41 13.68
N LYS A 268 24.01 8.88 14.38
CA LYS A 268 24.23 7.84 15.38
C LYS A 268 23.59 6.55 14.89
N PRO A 269 24.21 5.40 15.14
CA PRO A 269 23.58 4.13 14.81
C PRO A 269 22.25 4.02 15.56
N ALA A 270 21.31 3.33 14.92
CA ALA A 270 19.96 3.30 15.40
C ALA A 270 19.93 2.25 16.50
N PRO A 271 19.19 2.52 17.57
CA PRO A 271 19.04 1.56 18.67
C PRO A 271 18.31 0.31 18.19
N LYS A 272 18.80 -0.87 18.56
CA LYS A 272 18.12 -2.10 18.21
C LYS A 272 17.04 -2.40 19.26
N LEU A 273 15.82 -1.92 19.02
CA LEU A 273 14.68 -2.16 19.91
C LEU A 273 13.83 -3.40 19.59
N ILE A 274 13.91 -3.92 18.38
CA ILE A 274 13.22 -5.17 18.03
C ILE A 274 14.27 -6.18 17.67
N THR A 275 14.42 -7.20 18.51
CA THR A 275 15.46 -8.21 18.33
C THR A 275 14.99 -9.33 17.43
N ARG A 276 15.95 -10.08 16.90
CA ARG A 276 15.68 -11.29 16.16
C ARG A 276 14.65 -12.17 16.85
N GLU A 277 14.75 -12.31 18.16
CA GLU A 277 13.90 -13.19 18.98
C GLU A 277 12.47 -12.70 19.09
N MET A 278 12.30 -11.38 19.22
CA MET A 278 10.96 -10.79 19.16
C MET A 278 10.27 -11.03 17.80
N VAL A 279 10.98 -10.82 16.70
CA VAL A 279 10.39 -11.03 15.36
C VAL A 279 10.06 -12.51 15.13
N ASP A 280 10.93 -13.40 15.66
CA ASP A 280 10.73 -14.85 15.62
C ASP A 280 9.42 -15.27 16.31
N SER A 281 8.97 -14.52 17.31
CA SER A 281 7.72 -14.85 18.02
C SER A 281 6.45 -14.32 17.35
N MET A 282 6.58 -13.57 16.25
CA MET A 282 5.44 -12.95 15.61
C MET A 282 4.70 -13.95 14.74
N LYS A 283 3.40 -13.77 14.64
CA LYS A 283 2.57 -14.43 13.62
C LYS A 283 3.17 -14.28 12.22
N ALA A 284 3.21 -15.39 11.48
CA ALA A 284 3.60 -15.40 10.08
C ALA A 284 2.75 -14.39 9.28
N GLY A 285 3.38 -13.70 8.34
CA GLY A 285 2.72 -12.65 7.55
C GLY A 285 2.68 -11.26 8.19
N SER A 286 3.16 -11.13 9.43
CA SER A 286 3.32 -9.81 10.03
C SER A 286 4.34 -9.01 9.21
N VAL A 287 4.25 -7.69 9.35
CA VAL A 287 5.14 -6.76 8.65
C VAL A 287 5.75 -5.77 9.64
N ILE A 288 7.02 -5.51 9.44
CA ILE A 288 7.73 -4.51 10.18
C ILE A 288 8.30 -3.50 9.19
N VAL A 289 7.98 -2.23 9.42
CA VAL A 289 8.52 -1.15 8.60
C VAL A 289 9.48 -0.39 9.48
N ASP A 290 10.72 -0.38 9.07
CA ASP A 290 11.81 0.11 9.89
C ASP A 290 12.28 1.40 9.30
N LEU A 291 11.68 2.48 9.78
CA LEU A 291 12.05 3.87 9.35
C LEU A 291 13.36 4.40 9.91
N ALA A 292 14.16 3.57 10.57
CA ALA A 292 15.47 3.99 10.99
C ALA A 292 16.49 3.15 10.22
N ALA A 293 16.08 2.58 9.08
CA ALA A 293 16.95 1.69 8.35
C ALA A 293 18.17 2.40 7.81
N GLN A 294 18.05 3.71 7.51
CA GLN A 294 19.20 4.48 7.02
C GLN A 294 20.29 4.59 8.06
N ASN A 295 19.96 4.50 9.34
CA ASN A 295 21.03 4.43 10.34
C ASN A 295 21.22 3.06 10.97
N GLY A 296 20.97 2.02 10.19
CA GLY A 296 21.15 0.63 10.62
C GLY A 296 19.86 -0.07 11.05
N GLY A 297 18.81 0.69 11.36
CA GLY A 297 17.52 0.10 11.66
C GLY A 297 17.31 -0.18 13.12
N ASN A 298 16.07 -0.03 13.57
CA ASN A 298 15.65 -0.44 14.89
C ASN A 298 15.44 -1.94 15.08
N CYS A 299 15.36 -2.68 13.97
CA CYS A 299 15.11 -4.10 14.00
C CYS A 299 16.40 -4.82 13.59
N GLU A 300 16.74 -5.92 14.29
CA GLU A 300 17.97 -6.67 14.02
C GLU A 300 17.96 -7.43 12.72
N TYR A 301 16.76 -7.70 12.21
CA TYR A 301 16.62 -8.41 10.94
C TYR A 301 16.71 -7.46 9.71
N THR A 302 16.69 -6.16 9.95
CA THR A 302 16.60 -5.18 8.86
C THR A 302 17.79 -5.21 7.94
N VAL A 303 17.54 -5.27 6.63
CA VAL A 303 18.56 -5.14 5.60
C VAL A 303 18.21 -3.83 4.88
N PRO A 304 18.93 -2.74 5.14
CA PRO A 304 18.59 -1.44 4.53
C PRO A 304 18.56 -1.52 3.04
N GLY A 305 17.54 -0.92 2.45
CA GLY A 305 17.34 -0.89 1.00
C GLY A 305 16.48 -2.02 0.45
N GLU A 306 16.05 -2.96 1.29
CA GLU A 306 15.38 -4.21 0.88
C GLU A 306 14.33 -4.63 1.86
N ILE A 307 13.47 -5.52 1.40
CA ILE A 307 12.55 -6.23 2.25
C ILE A 307 13.23 -7.56 2.54
N PHE A 308 13.38 -7.83 3.83
CA PHE A 308 13.85 -9.14 4.29
C PHE A 308 12.68 -9.96 4.86
N THR A 309 12.51 -11.19 4.37
CA THR A 309 11.50 -12.10 4.91
C THR A 309 12.15 -13.10 5.83
N THR A 310 11.73 -13.17 7.09
CA THR A 310 12.29 -14.13 8.02
C THR A 310 11.80 -15.54 7.72
N GLU A 311 12.41 -16.48 8.43
CA GLU A 311 12.11 -17.88 8.33
C GLU A 311 10.70 -18.13 8.87
N ASN A 312 10.29 -17.45 9.94
CA ASN A 312 8.89 -17.50 10.36
C ASN A 312 7.92 -16.61 9.51
N GLY A 313 8.37 -16.06 8.39
CA GLY A 313 7.47 -15.45 7.42
C GLY A 313 7.07 -14.03 7.74
N VAL A 314 7.93 -13.32 8.44
CA VAL A 314 7.75 -11.88 8.67
C VAL A 314 8.52 -11.05 7.62
N LYS A 315 7.87 -10.00 7.15
CA LYS A 315 8.47 -9.11 6.14
C LYS A 315 8.92 -7.89 6.91
N VAL A 316 10.21 -7.69 6.84
CA VAL A 316 10.88 -6.57 7.47
C VAL A 316 11.27 -5.59 6.35
N ILE A 317 10.53 -4.50 6.28
CA ILE A 317 10.73 -3.52 5.21
C ILE A 317 11.72 -2.52 5.70
N GLY A 318 12.84 -2.43 5.00
CA GLY A 318 13.85 -1.46 5.38
C GLY A 318 14.30 -0.54 4.26
N TYR A 319 13.37 -0.10 3.43
CA TYR A 319 13.68 0.94 2.46
C TYR A 319 14.05 2.24 3.18
N THR A 320 15.03 2.95 2.63
CA THR A 320 15.50 4.22 3.22
C THR A 320 15.07 5.44 2.43
N ASP A 321 14.28 5.24 1.38
CA ASP A 321 13.82 6.34 0.52
C ASP A 321 12.29 6.45 0.52
N LEU A 322 11.67 6.39 1.69
CA LEU A 322 10.19 6.47 1.70
C LEU A 322 9.61 7.74 1.09
N PRO A 323 10.18 8.92 1.35
CA PRO A 323 9.68 10.13 0.66
C PRO A 323 9.84 10.06 -0.88
N GLY A 324 10.91 9.43 -1.34
CA GLY A 324 11.12 9.20 -2.76
C GLY A 324 10.16 8.23 -3.40
N ARG A 325 9.43 7.46 -2.57
CA ARG A 325 8.35 6.61 -3.02
C ARG A 325 7.02 7.29 -2.85
N LEU A 326 7.03 8.55 -2.44
CA LEU A 326 5.89 9.46 -2.64
C LEU A 326 6.46 10.76 -3.33
N PRO A 327 7.04 10.58 -4.51
CA PRO A 327 7.93 11.62 -5.05
C PRO A 327 7.19 12.95 -5.36
N THR A 328 5.96 12.87 -5.88
CA THR A 328 5.16 14.07 -6.22
C THR A 328 4.83 14.87 -4.97
N GLN A 329 4.37 14.19 -3.95
CA GLN A 329 4.06 14.82 -2.68
C GLN A 329 5.28 15.41 -2.01
N SER A 330 6.37 14.65 -2.00
CA SER A 330 7.60 15.10 -1.33
C SER A 330 8.18 16.32 -2.03
N SER A 331 8.14 16.34 -3.35
CA SER A 331 8.68 17.45 -4.11
C SER A 331 7.85 18.70 -3.85
N GLN A 332 6.53 18.55 -3.74
CA GLN A 332 5.62 19.69 -3.53
C GLN A 332 5.79 20.34 -2.16
N LEU A 333 5.84 19.51 -1.12
CA LEU A 333 6.09 19.98 0.26
C LEU A 333 7.52 20.51 0.50
N TYR A 334 8.53 19.77 0.09
CA TYR A 334 9.90 20.25 0.18
C TYR A 334 10.07 21.56 -0.56
N GLY A 335 9.52 21.61 -1.78
CA GLY A 335 9.59 22.79 -2.61
C GLY A 335 8.95 23.98 -1.92
N THR A 336 7.84 23.71 -1.25
CA THR A 336 7.17 24.73 -0.48
C THR A 336 8.04 25.16 0.70
N ASN A 337 8.71 24.23 1.37
CA ASN A 337 9.71 24.61 2.39
C ASN A 337 10.78 25.59 1.84
N LEU A 338 11.26 25.33 0.61
CA LEU A 338 12.28 26.19 0.01
C LEU A 338 11.68 27.54 -0.35
N VAL A 339 10.44 27.56 -0.81
CA VAL A 339 9.78 28.83 -1.06
C VAL A 339 9.69 29.67 0.22
N ASN A 340 9.34 29.03 1.31
CA ASN A 340 9.14 29.75 2.54
C ASN A 340 10.43 30.27 3.10
N LEU A 341 11.55 29.57 2.84
CA LEU A 341 12.89 30.04 3.23
C LEU A 341 13.21 31.28 2.41
N LEU A 342 12.81 31.27 1.14
CA LEU A 342 13.15 32.34 0.22
C LEU A 342 12.35 33.58 0.54
N LYS A 343 11.11 33.42 1.00
CA LYS A 343 10.33 34.57 1.43
C LYS A 343 11.08 35.34 2.52
N LEU A 344 11.75 34.61 3.41
CA LEU A 344 12.52 35.18 4.50
C LEU A 344 13.75 35.86 3.96
N LEU A 345 14.34 35.28 2.93
CA LEU A 345 15.59 35.78 2.36
C LEU A 345 15.36 37.03 1.50
N CYS A 346 14.12 37.23 1.06
CA CYS A 346 13.76 38.14 0.00
C CYS A 346 12.48 38.84 0.41
N LYS A 347 12.62 39.71 1.40
CA LYS A 347 11.49 40.30 2.12
C LYS A 347 10.72 41.27 1.25
N GLU A 348 11.42 41.97 0.35
CA GLU A 348 10.76 42.97 -0.53
C GLU A 348 10.37 42.42 -1.91
N LYS A 349 10.62 41.13 -2.16
CA LYS A 349 10.03 40.45 -3.33
C LYS A 349 10.61 40.95 -4.66
N ASP A 350 11.93 41.12 -4.67
CA ASP A 350 12.68 41.80 -5.74
C ASP A 350 13.82 40.95 -6.34
N GLY A 351 13.83 39.64 -6.08
CA GLY A 351 14.87 38.78 -6.62
C GLY A 351 16.23 38.88 -5.95
N ASN A 352 16.30 39.59 -4.83
CA ASN A 352 17.54 39.79 -4.07
C ASN A 352 17.48 39.03 -2.75
N ILE A 353 18.42 38.10 -2.57
CA ILE A 353 18.69 37.41 -1.33
C ILE A 353 19.42 38.36 -0.37
N THR A 354 18.82 38.66 0.77
CA THR A 354 19.62 39.19 1.89
C THR A 354 19.77 38.17 3.02
N VAL A 355 20.99 37.70 3.22
CA VAL A 355 21.30 36.71 4.22
C VAL A 355 21.61 37.40 5.55
N ASP A 356 20.58 37.51 6.36
CA ASP A 356 20.61 38.35 7.55
C ASP A 356 20.73 37.51 8.81
N PHE A 357 21.88 37.58 9.49
CA PHE A 357 22.16 36.74 10.65
C PHE A 357 21.47 37.16 11.96
N ASP A 358 20.72 38.26 11.91
CA ASP A 358 19.91 38.65 13.06
C ASP A 358 18.64 37.85 13.12
N ASP A 359 18.26 37.24 12.00
CA ASP A 359 17.16 36.27 11.95
C ASP A 359 17.66 34.88 12.34
N VAL A 360 17.08 34.29 13.40
CA VAL A 360 17.68 33.09 13.98
C VAL A 360 17.60 31.93 13.02
N VAL A 361 16.58 31.92 12.16
CA VAL A 361 16.40 30.80 11.24
C VAL A 361 17.35 30.92 10.05
N ILE A 362 17.59 32.14 9.59
CA ILE A 362 18.62 32.33 8.56
C ILE A 362 20.00 31.92 9.12
N ARG A 363 20.26 32.27 10.38
CA ARG A 363 21.51 31.91 11.03
C ARG A 363 21.65 30.40 11.19
N GLY A 364 20.58 29.73 11.58
CA GLY A 364 20.63 28.30 11.82
C GLY A 364 20.90 27.48 10.56
N VAL A 365 20.32 27.91 9.44
CA VAL A 365 20.36 27.19 8.17
C VAL A 365 21.62 27.53 7.37
N THR A 366 22.16 28.73 7.56
CA THR A 366 23.36 29.10 6.81
C THR A 366 24.58 28.44 7.43
N VAL A 367 25.05 27.38 6.79
CA VAL A 367 26.23 26.66 7.20
C VAL A 367 27.50 27.09 6.49
N ILE A 368 27.40 27.64 5.29
CA ILE A 368 28.53 28.32 4.65
C ILE A 368 28.07 29.69 4.18
N ARG A 369 28.93 30.68 4.36
CA ARG A 369 28.65 32.02 3.84
C ARG A 369 29.87 32.62 3.14
N ALA A 370 29.79 32.75 1.83
CA ALA A 370 30.84 33.38 1.05
C ALA A 370 32.19 32.75 1.34
N GLY A 371 32.23 31.43 1.32
CA GLY A 371 33.47 30.68 1.50
C GLY A 371 33.86 30.35 2.92
N GLU A 372 33.17 30.94 3.89
CA GLU A 372 33.49 30.73 5.28
C GLU A 372 32.43 29.87 5.98
N ILE A 373 32.87 28.78 6.59
CA ILE A 373 31.97 27.88 7.28
C ILE A 373 31.49 28.59 8.52
N THR A 374 30.18 28.78 8.58
CA THR A 374 29.48 29.39 9.71
C THR A 374 28.72 28.38 10.56
N TRP A 375 28.73 27.12 10.19
CA TRP A 375 28.15 26.07 11.03
C TRP A 375 29.23 25.72 12.10
N PRO A 376 28.84 25.32 13.31
CA PRO A 376 27.43 25.36 13.79
C PRO A 376 26.91 26.69 14.39
N ALA A 377 25.61 26.89 14.30
CA ALA A 377 24.95 28.04 14.92
C ALA A 377 24.95 27.89 16.46
N PRO A 378 25.05 29.00 17.21
CA PRO A 378 25.00 28.90 18.69
C PRO A 378 23.61 28.50 19.17
N PRO A 379 23.50 28.17 20.45
CA PRO A 379 22.18 27.88 21.02
C PRO A 379 21.33 29.15 20.82
N ILE A 380 20.06 28.96 20.57
CA ILE A 380 19.15 30.11 20.44
C ILE A 380 18.84 30.63 21.84
N GLN A 381 19.05 31.93 22.03
CA GLN A 381 18.82 32.61 23.31
C GLN A 381 18.32 34.04 23.02
N VAL A 382 17.03 34.30 23.17
CA VAL A 382 16.40 35.59 22.82
C VAL A 382 15.93 36.39 24.04
N SER A 383 16.09 37.72 23.98
CA SER A 383 15.69 38.65 25.06
C SER A 383 14.24 39.14 24.90
N HIS B 7 -12.47 -42.34 5.45
CA HIS B 7 -13.93 -41.93 5.52
C HIS B 7 -14.05 -40.74 6.44
N GLY B 8 -14.74 -39.70 5.95
CA GLY B 8 -14.82 -38.42 6.63
C GLY B 8 -13.50 -37.64 6.60
N ARG B 9 -12.53 -38.10 5.82
CA ARG B 9 -11.29 -37.37 5.75
C ARG B 9 -11.30 -36.41 4.58
N ILE B 10 -10.91 -35.17 4.86
CA ILE B 10 -10.81 -34.07 3.89
C ILE B 10 -9.33 -33.88 3.63
N GLY B 11 -8.95 -33.84 2.35
CA GLY B 11 -7.57 -33.56 2.00
C GLY B 11 -7.45 -32.16 1.46
N ILE B 12 -6.41 -31.43 1.85
CA ILE B 12 -6.17 -30.08 1.40
C ILE B 12 -4.85 -30.10 0.64
N PRO B 13 -4.90 -30.26 -0.69
CA PRO B 13 -3.64 -30.25 -1.46
C PRO B 13 -3.02 -28.88 -1.56
N ARG B 14 -1.74 -28.90 -1.84
CA ARG B 14 -1.02 -27.72 -2.19
C ARG B 14 -1.44 -27.38 -3.60
N GLU B 15 -1.64 -26.11 -3.89
CA GLU B 15 -2.01 -25.69 -5.22
C GLU B 15 -0.78 -25.78 -6.15
N ARG B 16 -1.03 -26.18 -7.38
CA ARG B 16 -0.03 -26.48 -8.40
C ARG B 16 0.04 -25.46 -9.51
N LEU B 17 -1.02 -24.69 -9.68
CA LEU B 17 -1.09 -23.65 -10.70
C LEU B 17 0.00 -22.65 -10.47
N THR B 18 0.61 -22.19 -11.58
CA THR B 18 1.77 -21.31 -11.52
C THR B 18 1.39 -20.02 -10.77
N ASN B 19 2.17 -19.68 -9.75
CA ASN B 19 1.99 -18.43 -8.99
C ASN B 19 0.76 -18.38 -8.08
N GLU B 20 0.07 -19.50 -7.88
CA GLU B 20 -1.09 -19.55 -6.94
C GLU B 20 -0.55 -19.54 -5.51
N THR B 21 -0.96 -18.55 -4.73
CA THR B 21 -0.50 -18.37 -3.38
C THR B 21 -1.57 -18.81 -2.35
N ARG B 22 -2.79 -19.08 -2.79
CA ARG B 22 -3.84 -19.44 -1.86
C ARG B 22 -3.96 -20.92 -1.56
N VAL B 23 -4.67 -21.20 -0.47
CA VAL B 23 -4.92 -22.54 0.04
C VAL B 23 -6.42 -22.64 0.40
N ALA B 24 -7.00 -23.81 0.25
CA ALA B 24 -8.45 -23.95 0.42
C ALA B 24 -8.89 -24.15 1.86
N ALA B 25 -7.96 -24.07 2.80
CA ALA B 25 -8.30 -24.14 4.25
C ALA B 25 -7.24 -23.41 5.05
N THR B 26 -7.66 -22.91 6.19
CA THR B 26 -6.75 -22.30 7.14
C THR B 26 -6.83 -23.08 8.48
N PRO B 27 -5.94 -22.80 9.43
CA PRO B 27 -6.08 -23.33 10.78
C PRO B 27 -7.47 -23.05 11.36
N LYS B 28 -7.97 -21.83 11.21
CA LYS B 28 -9.33 -21.54 11.64
C LYS B 28 -10.42 -22.41 10.95
N THR B 29 -10.38 -22.55 9.62
CA THR B 29 -11.41 -23.40 8.96
C THR B 29 -11.22 -24.87 9.31
N VAL B 30 -9.98 -25.28 9.57
CA VAL B 30 -9.71 -26.62 9.99
C VAL B 30 -10.44 -26.92 11.30
N GLU B 31 -10.31 -26.01 12.26
CA GLU B 31 -11.06 -26.13 13.52
C GLU B 31 -12.54 -26.38 13.23
N GLN B 32 -13.13 -25.62 12.32
CA GLN B 32 -14.54 -25.76 12.00
C GLN B 32 -14.87 -27.06 11.29
N LEU B 33 -13.97 -27.53 10.43
CA LEU B 33 -14.17 -28.80 9.73
C LEU B 33 -14.15 -29.96 10.72
N LEU B 34 -13.33 -29.88 11.75
CA LEU B 34 -13.35 -30.92 12.78
C LEU B 34 -14.66 -30.87 13.56
N LYS B 35 -15.22 -29.69 13.80
CA LYS B 35 -16.54 -29.51 14.45
C LYS B 35 -17.71 -30.13 13.66
N LEU B 36 -17.52 -30.36 12.36
CA LEU B 36 -18.54 -31.03 11.54
C LEU B 36 -18.32 -32.53 11.50
N GLY B 37 -17.37 -33.03 12.26
CA GLY B 37 -17.15 -34.45 12.35
C GLY B 37 -16.16 -34.97 11.34
N PHE B 38 -15.45 -34.12 10.61
CA PHE B 38 -14.42 -34.61 9.65
C PHE B 38 -13.01 -34.71 10.26
N THR B 39 -12.12 -35.49 9.66
CA THR B 39 -10.69 -35.30 9.94
C THR B 39 -10.06 -34.63 8.73
N VAL B 40 -8.85 -34.11 8.91
CA VAL B 40 -8.22 -33.23 7.90
C VAL B 40 -6.75 -33.55 7.69
N ALA B 41 -6.37 -33.79 6.44
CA ALA B 41 -5.01 -33.96 6.07
C ALA B 41 -4.66 -32.78 5.18
N VAL B 42 -3.60 -32.04 5.54
CA VAL B 42 -3.04 -30.97 4.69
C VAL B 42 -1.68 -31.38 4.15
N GLU B 43 -1.53 -31.30 2.83
CA GLU B 43 -0.24 -31.50 2.23
C GLU B 43 0.73 -30.43 2.77
N SER B 44 1.91 -30.89 3.16
CA SER B 44 2.98 -30.01 3.60
C SER B 44 3.27 -28.84 2.65
N GLY B 45 3.43 -27.65 3.22
CA GLY B 45 3.62 -26.43 2.45
C GLY B 45 2.39 -25.79 1.80
N ALA B 46 1.20 -26.40 1.95
CA ALA B 46 0.01 -25.97 1.19
C ALA B 46 -0.33 -24.49 1.51
N GLY B 47 -0.13 -24.10 2.78
CA GLY B 47 -0.46 -22.77 3.25
C GLY B 47 0.69 -21.78 3.31
N GLN B 48 1.88 -22.22 2.88
CA GLN B 48 3.08 -21.43 3.04
C GLN B 48 3.00 -20.02 2.43
N LEU B 49 2.58 -19.94 1.18
CA LEU B 49 2.53 -18.64 0.48
C LEU B 49 1.37 -17.79 1.05
N ALA B 50 0.48 -18.39 1.84
CA ALA B 50 -0.67 -17.66 2.44
C ALA B 50 -0.40 -17.32 3.91
N SER B 51 0.84 -17.64 4.31
CA SER B 51 1.34 -17.47 5.69
C SER B 51 0.69 -18.41 6.74
N PHE B 52 0.34 -19.61 6.31
CA PHE B 52 -0.05 -20.67 7.21
C PHE B 52 0.94 -21.83 7.14
N ASP B 53 1.79 -21.85 8.15
CA ASP B 53 2.82 -22.87 8.38
C ASP B 53 2.18 -24.24 8.69
N ASP B 54 2.87 -25.30 8.32
CA ASP B 54 2.49 -26.65 8.71
C ASP B 54 2.13 -26.73 10.18
N LYS B 55 2.96 -26.12 11.02
CA LYS B 55 2.73 -25.99 12.46
C LYS B 55 1.34 -25.52 12.81
N ALA B 56 0.84 -24.47 12.16
CA ALA B 56 -0.47 -23.93 12.54
C ALA B 56 -1.57 -24.90 12.16
N PHE B 57 -1.41 -25.64 11.07
CA PHE B 57 -2.43 -26.62 10.70
C PHE B 57 -2.45 -27.76 11.75
N VAL B 58 -1.27 -28.23 12.16
CA VAL B 58 -1.17 -29.29 13.16
C VAL B 58 -1.77 -28.79 14.49
N GLN B 59 -1.45 -27.58 14.91
CA GLN B 59 -2.12 -27.01 16.11
C GLN B 59 -3.66 -26.94 16.03
N ALA B 60 -4.19 -26.65 14.85
CA ALA B 60 -5.63 -26.71 14.59
C ALA B 60 -6.24 -28.12 14.61
N GLY B 61 -5.42 -29.18 14.53
CA GLY B 61 -5.86 -30.56 14.63
C GLY B 61 -5.77 -31.33 13.31
N ALA B 62 -5.17 -30.75 12.30
CA ALA B 62 -4.88 -31.44 11.03
C ALA B 62 -3.64 -32.31 11.12
N GLU B 63 -3.58 -33.31 10.26
CA GLU B 63 -2.40 -34.13 10.05
C GLU B 63 -1.67 -33.59 8.81
N ILE B 64 -0.34 -33.44 8.85
CA ILE B 64 0.48 -33.04 7.69
C ILE B 64 0.92 -34.28 6.94
N VAL B 65 0.68 -34.34 5.64
CA VAL B 65 1.01 -35.51 4.82
C VAL B 65 1.92 -35.07 3.68
N GLU B 66 2.65 -36.02 3.10
CA GLU B 66 3.70 -35.62 2.16
C GLU B 66 3.25 -35.71 0.73
N GLY B 67 2.77 -36.86 0.33
CA GLY B 67 2.81 -37.11 -1.11
C GLY B 67 1.51 -36.77 -1.84
N ASN B 68 1.16 -37.66 -2.75
CA ASN B 68 -0.23 -37.82 -3.08
C ASN B 68 -1.02 -38.52 -1.98
N SER B 69 -0.43 -38.69 -0.81
CA SER B 69 -1.19 -39.10 0.35
C SER B 69 -2.44 -38.27 0.55
N VAL B 70 -2.34 -36.97 0.21
CA VAL B 70 -3.47 -36.07 0.48
C VAL B 70 -4.69 -36.51 -0.34
N TRP B 71 -4.44 -37.17 -1.47
CA TRP B 71 -5.49 -37.59 -2.41
C TRP B 71 -6.27 -38.81 -1.97
N GLN B 72 -5.79 -39.46 -0.92
CA GLN B 72 -6.44 -40.63 -0.31
C GLN B 72 -7.41 -40.15 0.76
N SER B 73 -8.29 -39.24 0.37
CA SER B 73 -9.30 -38.68 1.27
C SER B 73 -10.61 -38.85 0.55
N GLU B 74 -11.67 -38.98 1.31
CA GLU B 74 -13.01 -38.98 0.81
C GLU B 74 -13.42 -37.61 0.20
N ILE B 75 -12.88 -36.51 0.69
CA ILE B 75 -13.20 -35.17 0.25
C ILE B 75 -11.90 -34.46 -0.05
N ILE B 76 -11.89 -33.71 -1.13
CA ILE B 76 -10.78 -32.86 -1.48
C ILE B 76 -11.26 -31.42 -1.66
N LEU B 77 -10.66 -30.49 -0.94
CA LEU B 77 -10.94 -29.08 -1.13
C LEU B 77 -9.73 -28.44 -1.76
N LYS B 78 -9.96 -27.72 -2.86
CA LYS B 78 -8.94 -27.00 -3.61
C LYS B 78 -9.44 -25.64 -3.94
N VAL B 79 -8.52 -24.80 -4.42
CA VAL B 79 -8.87 -23.52 -5.03
C VAL B 79 -9.14 -23.76 -6.52
N ASN B 80 -8.10 -24.20 -7.24
CA ASN B 80 -8.20 -24.42 -8.71
C ASN B 80 -8.46 -25.83 -9.07
N ALA B 81 -8.97 -26.02 -10.28
CA ALA B 81 -9.33 -27.33 -10.77
C ALA B 81 -8.09 -28.20 -10.73
N PRO B 82 -8.27 -29.49 -10.54
CA PRO B 82 -7.13 -30.40 -10.61
C PRO B 82 -6.54 -30.48 -12.02
N LEU B 83 -5.22 -30.54 -12.11
CA LEU B 83 -4.49 -30.86 -13.35
C LEU B 83 -4.59 -32.36 -13.70
N ASP B 84 -4.29 -32.71 -14.94
CA ASP B 84 -4.35 -34.10 -15.46
C ASP B 84 -3.78 -35.13 -14.51
N ASP B 85 -2.56 -34.86 -14.05
CA ASP B 85 -1.85 -35.81 -13.22
C ASP B 85 -2.49 -35.87 -11.84
N GLU B 86 -3.25 -34.82 -11.50
CA GLU B 86 -4.10 -34.83 -10.29
C GLU B 86 -5.40 -35.65 -10.42
N ILE B 87 -6.10 -35.49 -11.54
CA ILE B 87 -7.35 -36.20 -11.78
C ILE B 87 -7.16 -37.72 -11.62
N ALA B 88 -6.02 -38.23 -12.06
CA ALA B 88 -5.69 -39.67 -12.04
C ALA B 88 -5.49 -40.19 -10.65
N LEU B 89 -5.19 -39.34 -9.69
CA LEU B 89 -5.10 -39.75 -8.32
C LEU B 89 -6.45 -39.73 -7.59
N LEU B 90 -7.49 -39.13 -8.17
CA LEU B 90 -8.83 -39.17 -7.54
C LEU B 90 -9.43 -40.57 -7.56
N ASN B 91 -9.83 -41.04 -6.39
CA ASN B 91 -10.45 -42.35 -6.22
C ASN B 91 -11.97 -42.24 -6.36
N PRO B 92 -12.61 -43.24 -6.99
CA PRO B 92 -14.08 -43.28 -7.10
C PRO B 92 -14.75 -42.99 -5.79
N GLY B 93 -15.86 -42.28 -5.81
CA GLY B 93 -16.57 -41.98 -4.57
C GLY B 93 -16.07 -40.74 -3.84
N THR B 94 -14.96 -40.16 -4.30
CA THR B 94 -14.42 -38.92 -3.71
C THR B 94 -15.28 -37.72 -4.08
N THR B 95 -15.39 -36.74 -3.16
CA THR B 95 -16.06 -35.50 -3.50
C THR B 95 -15.05 -34.44 -3.62
N LEU B 96 -14.96 -33.79 -4.77
CA LEU B 96 -14.00 -32.72 -5.00
C LEU B 96 -14.75 -31.38 -4.92
N VAL B 97 -14.22 -30.39 -4.22
CA VAL B 97 -14.83 -29.07 -4.18
C VAL B 97 -13.79 -28.09 -4.61
N SER B 98 -14.03 -27.37 -5.71
CA SER B 98 -13.12 -26.33 -6.14
C SER B 98 -13.75 -25.44 -7.16
N PHE B 99 -13.04 -24.44 -7.60
CA PHE B 99 -13.36 -23.83 -8.89
C PHE B 99 -13.20 -24.87 -10.01
N ILE B 100 -14.14 -24.84 -10.96
CA ILE B 100 -14.18 -25.78 -12.08
C ILE B 100 -14.42 -25.03 -13.42
N TRP B 101 -15.40 -24.12 -13.45
CA TRP B 101 -15.75 -23.39 -14.68
C TRP B 101 -16.12 -24.40 -15.81
N PRO B 102 -17.21 -25.14 -15.59
CA PRO B 102 -17.61 -26.20 -16.51
C PRO B 102 -17.86 -25.74 -18.00
N ALA B 103 -18.39 -24.55 -18.20
CA ALA B 103 -18.65 -24.03 -19.54
C ALA B 103 -17.39 -23.86 -20.37
N GLN B 104 -16.27 -23.59 -19.71
CA GLN B 104 -15.03 -23.32 -20.41
C GLN B 104 -14.17 -24.54 -20.44
N ASN B 105 -14.59 -25.60 -19.75
CA ASN B 105 -13.76 -26.78 -19.57
C ASN B 105 -14.46 -28.09 -19.74
N PRO B 106 -15.13 -28.34 -20.88
CA PRO B 106 -15.85 -29.61 -21.09
C PRO B 106 -14.98 -30.85 -21.02
N GLU B 107 -13.73 -30.72 -21.44
CA GLU B 107 -12.76 -31.82 -21.34
C GLU B 107 -12.45 -32.20 -19.90
N LEU B 108 -12.20 -31.22 -19.04
CA LEU B 108 -11.97 -31.46 -17.61
C LEU B 108 -13.19 -32.16 -16.99
N MET B 109 -14.38 -31.69 -17.31
CA MET B 109 -15.63 -32.30 -16.81
C MET B 109 -15.72 -33.81 -17.12
N GLN B 110 -15.35 -34.17 -18.35
CA GLN B 110 -15.30 -35.56 -18.81
C GLN B 110 -14.29 -36.42 -18.05
N LYS B 111 -13.03 -35.97 -18.01
CA LYS B 111 -12.01 -36.64 -17.19
C LYS B 111 -12.39 -36.81 -15.72
N LEU B 112 -13.07 -35.83 -15.12
CA LEU B 112 -13.50 -35.98 -13.71
C LEU B 112 -14.62 -36.98 -13.63
N ALA B 113 -15.52 -36.96 -14.61
CA ALA B 113 -16.65 -37.90 -14.59
C ALA B 113 -16.13 -39.36 -14.63
N GLU B 114 -15.09 -39.61 -15.43
CA GLU B 114 -14.57 -40.96 -15.62
C GLU B 114 -13.94 -41.46 -14.34
N ARG B 115 -13.56 -40.54 -13.45
CA ARG B 115 -13.09 -40.96 -12.16
C ARG B 115 -14.19 -41.41 -11.22
N ASN B 116 -15.45 -41.35 -11.65
CA ASN B 116 -16.61 -41.64 -10.75
C ASN B 116 -16.55 -40.91 -9.42
N VAL B 117 -16.45 -39.59 -9.52
CA VAL B 117 -16.40 -38.75 -8.32
C VAL B 117 -17.60 -37.82 -8.36
N THR B 118 -17.74 -37.07 -7.27
CA THR B 118 -18.70 -35.98 -7.18
C THR B 118 -17.91 -34.69 -7.16
N VAL B 119 -18.35 -33.69 -7.91
CA VAL B 119 -17.65 -32.47 -8.01
C VAL B 119 -18.58 -31.33 -7.75
N MET B 120 -18.21 -30.47 -6.82
CA MET B 120 -18.92 -29.22 -6.59
C MET B 120 -18.09 -28.04 -6.99
N ALA B 121 -18.60 -27.27 -7.92
CA ALA B 121 -17.91 -26.17 -8.52
C ALA B 121 -18.32 -24.89 -7.77
N MET B 122 -17.36 -24.25 -7.14
CA MET B 122 -17.62 -23.07 -6.33
C MET B 122 -17.98 -21.88 -7.18
N ASP B 123 -17.66 -21.91 -8.48
CA ASP B 123 -18.14 -20.91 -9.45
C ASP B 123 -19.61 -21.04 -9.85
N SER B 124 -20.27 -22.14 -9.53
CA SER B 124 -21.64 -22.39 -9.93
C SER B 124 -22.68 -22.24 -8.81
N VAL B 125 -22.28 -21.69 -7.68
CA VAL B 125 -23.19 -21.31 -6.62
C VAL B 125 -24.26 -20.38 -7.18
N PRO B 126 -25.53 -20.76 -7.06
CA PRO B 126 -26.62 -19.86 -7.46
C PRO B 126 -26.60 -18.55 -6.63
N ARG B 127 -26.88 -17.44 -7.27
CA ARG B 127 -26.74 -16.16 -6.62
C ARG B 127 -28.10 -15.83 -6.01
N ILE B 128 -28.50 -16.62 -5.01
CA ILE B 128 -29.65 -16.25 -4.19
C ILE B 128 -29.10 -15.89 -2.84
N SER B 129 -29.88 -15.16 -2.06
CA SER B 129 -29.39 -14.59 -0.79
C SER B 129 -28.95 -15.57 0.26
N ARG B 130 -29.59 -16.72 0.34
CA ARG B 130 -29.25 -17.69 1.37
C ARG B 130 -27.97 -18.46 1.01
N ALA B 131 -27.49 -18.28 -0.23
CA ALA B 131 -26.25 -18.90 -0.69
C ALA B 131 -25.04 -17.99 -0.55
N GLN B 132 -25.23 -16.79 0.00
CA GLN B 132 -24.15 -15.80 0.06
C GLN B 132 -23.00 -16.22 0.97
N SER B 133 -23.30 -16.96 2.03
CA SER B 133 -22.26 -17.46 2.88
C SER B 133 -21.35 -18.52 2.17
N LEU B 134 -21.80 -19.06 1.06
CA LEU B 134 -21.04 -20.03 0.21
C LEU B 134 -20.45 -19.44 -1.06
N ASP B 135 -20.79 -18.20 -1.36
CA ASP B 135 -20.48 -17.61 -2.65
C ASP B 135 -19.02 -17.12 -2.73
N ALA B 136 -18.19 -18.00 -3.25
CA ALA B 136 -16.76 -17.75 -3.36
C ALA B 136 -16.45 -16.62 -4.35
N LEU B 137 -17.28 -16.47 -5.35
CA LEU B 137 -17.08 -15.37 -6.26
C LEU B 137 -17.23 -14.00 -5.59
N SER B 138 -18.20 -13.81 -4.72
CA SER B 138 -18.31 -12.57 -3.99
C SER B 138 -17.11 -12.37 -3.04
N SER B 139 -16.72 -13.44 -2.37
CA SER B 139 -15.63 -13.33 -1.39
C SER B 139 -14.39 -12.79 -2.05
N MET B 140 -14.15 -13.26 -3.27
CA MET B 140 -12.91 -12.96 -3.98
C MET B 140 -13.05 -11.58 -4.59
N ALA B 141 -14.27 -11.20 -5.03
CA ALA B 141 -14.52 -9.89 -5.66
C ALA B 141 -14.33 -8.81 -4.60
N ASN B 142 -14.71 -9.10 -3.37
CA ASN B 142 -14.58 -8.20 -2.23
C ASN B 142 -13.11 -7.98 -1.88
N ILE B 143 -12.33 -9.05 -1.87
CA ILE B 143 -10.89 -8.92 -1.65
C ILE B 143 -10.28 -8.08 -2.76
N ALA B 144 -10.61 -8.38 -4.01
CA ALA B 144 -10.03 -7.70 -5.16
C ALA B 144 -10.28 -6.20 -5.14
N GLY B 145 -11.48 -5.78 -4.73
CA GLY B 145 -11.78 -4.36 -4.61
C GLY B 145 -10.95 -3.66 -3.57
N TYR B 146 -10.77 -4.28 -2.40
CA TYR B 146 -9.85 -3.79 -1.38
C TYR B 146 -8.42 -3.70 -1.88
N ARG B 147 -7.97 -4.77 -2.52
CA ARG B 147 -6.56 -4.86 -2.89
C ARG B 147 -6.25 -3.90 -4.00
N ALA B 148 -7.22 -3.69 -4.87
CA ALA B 148 -7.07 -2.71 -5.97
C ALA B 148 -6.67 -1.37 -5.45
N ILE B 149 -7.32 -0.94 -4.37
CA ILE B 149 -7.01 0.33 -3.75
C ILE B 149 -5.69 0.28 -3.05
N VAL B 150 -5.36 -0.84 -2.46
CA VAL B 150 -4.05 -0.96 -1.86
C VAL B 150 -2.97 -0.82 -2.95
N GLU B 151 -3.17 -1.46 -4.11
CA GLU B 151 -2.21 -1.34 -5.21
C GLU B 151 -2.13 0.10 -5.76
N ALA B 152 -3.27 0.75 -5.89
CA ALA B 152 -3.33 2.14 -6.34
C ALA B 152 -2.53 3.06 -5.42
N ALA B 153 -2.76 2.94 -4.11
CA ALA B 153 -2.02 3.77 -3.12
C ALA B 153 -0.53 3.46 -3.19
N HIS B 154 -0.18 2.19 -3.32
CA HIS B 154 1.23 1.87 -3.46
C HIS B 154 1.88 2.57 -4.68
N GLU B 155 1.19 2.59 -5.83
CA GLU B 155 1.74 3.14 -7.07
C GLU B 155 1.66 4.66 -7.22
N PHE B 156 0.74 5.27 -6.47
CA PHE B 156 0.39 6.66 -6.59
C PHE B 156 1.43 7.45 -5.82
N GLY B 157 1.83 8.60 -6.37
CA GLY B 157 2.95 9.35 -5.85
C GLY B 157 2.52 10.52 -4.98
N ARG B 158 1.23 10.59 -4.66
CA ARG B 158 0.70 11.64 -3.78
C ARG B 158 -0.08 10.99 -2.60
N PHE B 159 -0.36 11.75 -1.54
CA PHE B 159 -1.26 11.28 -0.50
C PHE B 159 -2.63 10.97 -1.10
N PHE B 160 -3.24 9.87 -0.66
CA PHE B 160 -4.67 9.70 -0.81
C PHE B 160 -5.41 10.65 0.12
N THR B 161 -4.86 10.81 1.33
CA THR B 161 -5.55 11.45 2.44
C THR B 161 -5.32 12.97 2.46
N GLY B 162 -6.40 13.74 2.50
CA GLY B 162 -6.31 15.18 2.65
C GLY B 162 -5.71 15.53 3.99
N GLN B 163 -4.95 16.61 4.04
CA GLN B 163 -4.10 16.90 5.21
C GLN B 163 -3.71 18.36 5.20
N ILE B 164 -3.67 18.94 6.37
CA ILE B 164 -3.17 20.29 6.56
C ILE B 164 -1.78 20.15 7.15
N THR B 165 -0.77 20.66 6.46
CA THR B 165 0.60 20.59 6.96
C THR B 165 1.13 22.00 7.02
N ALA B 166 2.27 22.17 7.69
CA ALA B 166 2.97 23.47 7.81
C ALA B 166 3.46 23.96 6.45
N ALA B 167 3.58 23.05 5.49
CA ALA B 167 4.02 23.39 4.13
C ALA B 167 2.88 23.36 3.12
N GLY B 168 1.64 23.52 3.57
CA GLY B 168 0.50 23.57 2.67
C GLY B 168 -0.61 22.56 2.97
N LYS B 169 -1.81 22.92 2.54
CA LYS B 169 -3.01 22.12 2.71
C LYS B 169 -3.10 21.24 1.50
N VAL B 170 -2.87 19.95 1.68
CA VAL B 170 -2.97 18.98 0.59
C VAL B 170 -4.42 18.48 0.34
N PRO B 171 -4.94 18.55 -0.88
CA PRO B 171 -6.27 17.98 -1.11
C PRO B 171 -6.23 16.42 -1.14
N PRO B 172 -7.38 15.81 -0.89
CA PRO B 172 -7.50 14.36 -1.00
C PRO B 172 -7.47 13.94 -2.50
N ALA B 173 -7.03 12.71 -2.75
CA ALA B 173 -7.18 12.08 -4.06
C ALA B 173 -8.66 11.96 -4.43
N LYS B 174 -8.94 12.02 -5.72
CA LYS B 174 -10.29 11.82 -6.23
C LYS B 174 -10.24 10.48 -6.96
N VAL B 175 -11.16 9.60 -6.61
CA VAL B 175 -11.26 8.21 -7.04
C VAL B 175 -12.62 7.99 -7.72
N MET B 176 -12.62 7.45 -8.93
CA MET B 176 -13.84 7.09 -9.60
C MET B 176 -13.83 5.58 -9.67
N VAL B 177 -14.90 4.95 -9.23
CA VAL B 177 -15.07 3.52 -9.32
C VAL B 177 -16.15 3.26 -10.41
N ILE B 178 -15.82 2.48 -11.42
CA ILE B 178 -16.81 2.07 -12.41
C ILE B 178 -17.29 0.68 -12.10
N GLY B 179 -18.58 0.62 -11.79
CA GLY B 179 -19.29 -0.59 -11.40
C GLY B 179 -19.28 -0.65 -9.90
N ALA B 180 -20.45 -0.65 -9.30
CA ALA B 180 -20.55 -0.72 -7.89
C ALA B 180 -21.19 -2.02 -7.48
N GLY B 181 -20.74 -3.13 -8.06
CA GLY B 181 -21.06 -4.46 -7.55
C GLY B 181 -20.20 -4.77 -6.34
N VAL B 182 -19.99 -6.04 -6.07
CA VAL B 182 -19.22 -6.44 -4.88
C VAL B 182 -17.79 -5.81 -4.80
N ALA B 183 -17.09 -5.81 -5.91
CA ALA B 183 -15.73 -5.35 -5.97
C ALA B 183 -15.68 -3.83 -5.91
N GLY B 184 -16.57 -3.16 -6.63
CA GLY B 184 -16.61 -1.71 -6.63
C GLY B 184 -16.97 -1.16 -5.28
N LEU B 185 -17.92 -1.78 -4.61
CA LEU B 185 -18.26 -1.36 -3.26
C LEU B 185 -17.07 -1.51 -2.28
N ALA B 186 -16.36 -2.62 -2.40
CA ALA B 186 -15.12 -2.80 -1.60
C ALA B 186 -14.08 -1.74 -1.91
N ALA B 187 -13.96 -1.35 -3.16
CA ALA B 187 -12.99 -0.33 -3.58
C ALA B 187 -13.43 1.03 -3.03
N ILE B 188 -14.74 1.29 -3.07
CA ILE B 188 -15.28 2.51 -2.50
C ILE B 188 -14.89 2.56 -1.04
N GLY B 189 -15.13 1.47 -0.31
CA GLY B 189 -14.84 1.46 1.09
C GLY B 189 -13.37 1.69 1.41
N ALA B 190 -12.49 1.01 0.68
CA ALA B 190 -11.05 1.11 0.92
C ALA B 190 -10.61 2.55 0.65
N ALA B 191 -11.08 3.11 -0.45
CA ALA B 191 -10.75 4.47 -0.81
C ALA B 191 -11.22 5.47 0.28
N ASN B 192 -12.43 5.25 0.83
CA ASN B 192 -12.93 6.10 1.94
C ASN B 192 -12.07 6.01 3.14
N SER B 193 -11.68 4.79 3.49
CA SER B 193 -10.79 4.58 4.62
C SER B 193 -9.49 5.38 4.52
N LEU B 194 -8.95 5.46 3.31
CA LEU B 194 -7.80 6.30 3.04
C LEU B 194 -8.10 7.81 2.91
N GLY B 195 -9.35 8.23 3.06
CA GLY B 195 -9.69 9.64 3.03
C GLY B 195 -10.01 10.27 1.68
N ALA B 196 -10.11 9.45 0.65
CA ALA B 196 -10.35 9.96 -0.69
C ALA B 196 -11.81 10.45 -0.93
N ILE B 197 -11.94 11.31 -1.94
CA ILE B 197 -13.22 11.74 -2.50
C ILE B 197 -13.55 10.72 -3.54
N VAL B 198 -14.67 10.03 -3.34
CA VAL B 198 -15.02 8.94 -4.19
C VAL B 198 -16.28 9.23 -4.99
N ARG B 199 -16.23 8.89 -6.29
CA ARG B 199 -17.36 8.89 -7.20
C ARG B 199 -17.53 7.55 -7.81
N ALA B 200 -18.77 7.14 -8.01
CA ALA B 200 -19.02 5.87 -8.66
C ALA B 200 -20.17 5.89 -9.67
N PHE B 201 -20.00 5.09 -10.71
CA PHE B 201 -21.08 4.86 -11.66
C PHE B 201 -21.45 3.37 -11.77
N ASP B 202 -22.75 3.07 -11.72
CA ASP B 202 -23.25 1.77 -12.14
C ASP B 202 -24.45 1.98 -13.11
N THR B 203 -24.69 1.03 -14.01
CA THR B 203 -25.87 1.04 -14.87
C THR B 203 -27.12 0.64 -14.11
N ARG B 204 -26.96 0.01 -12.95
CA ARG B 204 -28.06 -0.44 -12.13
C ARG B 204 -28.35 0.64 -11.08
N PRO B 205 -29.45 1.36 -11.24
CA PRO B 205 -29.81 2.45 -10.32
C PRO B 205 -30.16 2.02 -8.89
N GLU B 206 -30.54 0.77 -8.73
CA GLU B 206 -30.72 0.18 -7.41
C GLU B 206 -29.49 0.24 -6.45
N VAL B 207 -28.25 0.31 -6.97
CA VAL B 207 -27.07 0.46 -6.10
C VAL B 207 -26.86 1.90 -5.59
N LYS B 208 -27.56 2.85 -6.21
CA LYS B 208 -27.45 4.27 -5.88
C LYS B 208 -27.47 4.50 -4.39
N GLU B 209 -28.47 3.97 -3.71
CA GLU B 209 -28.56 4.17 -2.27
C GLU B 209 -27.38 3.54 -1.46
N GLN B 210 -26.88 2.38 -1.84
CA GLN B 210 -25.67 1.87 -1.17
C GLN B 210 -24.47 2.82 -1.38
N VAL B 211 -24.25 3.25 -2.62
CA VAL B 211 -23.14 4.15 -2.96
C VAL B 211 -23.20 5.42 -2.10
N GLN B 212 -24.37 6.03 -2.02
CA GLN B 212 -24.54 7.31 -1.34
C GLN B 212 -24.33 7.19 0.15
N SER B 213 -24.74 6.05 0.72
CA SER B 213 -24.56 5.80 2.15
C SER B 213 -23.09 5.60 2.57
N MET B 214 -22.20 5.41 1.59
CA MET B 214 -20.76 5.30 1.85
C MET B 214 -20.09 6.67 1.67
N GLY B 215 -20.89 7.70 1.45
CA GLY B 215 -20.37 9.03 1.26
C GLY B 215 -19.78 9.25 -0.11
N ALA B 216 -20.11 8.40 -1.07
CA ALA B 216 -19.61 8.56 -2.41
C ALA B 216 -20.65 9.27 -3.24
N GLU B 217 -20.22 9.97 -4.28
CA GLU B 217 -21.15 10.51 -5.27
C GLU B 217 -21.54 9.46 -6.31
N PHE B 218 -22.85 9.18 -6.41
CA PHE B 218 -23.39 8.42 -7.52
C PHE B 218 -23.56 9.37 -8.68
N LEU B 219 -22.82 9.11 -9.75
CA LEU B 219 -22.80 9.92 -10.95
C LEU B 219 -24.03 9.61 -11.78
N GLU B 220 -24.56 10.62 -12.48
CA GLU B 220 -25.69 10.44 -13.40
C GLU B 220 -25.27 10.78 -14.82
N LEU B 221 -26.08 10.31 -15.77
CA LEU B 221 -25.86 10.55 -17.22
C LEU B 221 -26.48 11.86 -17.74
N ASP B 222 -26.36 12.07 -19.06
CA ASP B 222 -26.80 13.29 -19.76
C ASP B 222 -27.31 12.96 -21.18
N SER B 238 -28.17 0.18 -24.83
CA SER B 238 -28.38 0.50 -26.23
C SER B 238 -27.13 1.14 -26.89
N ASP B 239 -27.19 2.44 -27.16
CA ASP B 239 -26.17 3.16 -27.97
C ASP B 239 -26.14 4.66 -27.69
N ALA B 240 -27.32 5.24 -27.45
CA ALA B 240 -27.43 6.55 -26.82
C ALA B 240 -26.95 6.46 -25.36
N PHE B 241 -27.16 5.29 -24.74
CA PHE B 241 -26.72 5.02 -23.36
C PHE B 241 -25.20 4.87 -23.30
N ILE B 242 -24.67 4.00 -24.15
CA ILE B 242 -23.24 3.80 -24.27
C ILE B 242 -22.50 5.13 -24.38
N LYS B 243 -22.89 5.96 -25.35
CA LYS B 243 -22.11 7.15 -25.70
C LYS B 243 -22.18 8.22 -24.61
N ALA B 244 -23.32 8.33 -23.92
CA ALA B 244 -23.45 9.25 -22.78
C ALA B 244 -22.65 8.76 -21.58
N GLU B 245 -22.61 7.43 -21.41
CA GLU B 245 -21.75 6.76 -20.42
C GLU B 245 -20.28 7.00 -20.72
N MET B 246 -19.88 6.88 -21.98
CA MET B 246 -18.51 7.14 -22.35
C MET B 246 -18.18 8.60 -22.14
N GLU B 247 -19.17 9.47 -22.39
CA GLU B 247 -19.00 10.91 -22.27
C GLU B 247 -18.83 11.31 -20.80
N LEU B 248 -19.55 10.64 -19.91
CA LEU B 248 -19.35 10.87 -18.49
C LEU B 248 -17.93 10.45 -18.10
N PHE B 249 -17.53 9.25 -18.51
CA PHE B 249 -16.20 8.73 -18.20
C PHE B 249 -15.13 9.67 -18.73
N ALA B 250 -15.31 10.17 -19.93
CA ALA B 250 -14.32 11.07 -20.52
C ALA B 250 -14.17 12.37 -19.71
N ALA B 251 -15.27 12.92 -19.21
CA ALA B 251 -15.22 14.10 -18.35
C ALA B 251 -14.62 13.80 -16.99
N GLN B 252 -14.97 12.67 -16.40
CA GLN B 252 -14.41 12.33 -15.10
C GLN B 252 -12.91 12.06 -15.20
N ALA B 253 -12.49 11.50 -16.32
CA ALA B 253 -11.10 11.10 -16.49
C ALA B 253 -10.17 12.29 -16.38
N LYS B 254 -10.66 13.48 -16.75
CA LYS B 254 -9.89 14.73 -16.62
C LYS B 254 -9.80 15.29 -15.18
N GLU B 255 -10.75 14.97 -14.32
CA GLU B 255 -10.76 15.47 -12.94
C GLU B 255 -10.18 14.52 -11.89
N VAL B 256 -10.12 13.22 -12.14
CA VAL B 256 -9.78 12.29 -11.06
C VAL B 256 -8.36 11.78 -11.16
N ASP B 257 -7.89 11.29 -10.03
CA ASP B 257 -6.53 10.77 -9.87
C ASP B 257 -6.48 9.26 -10.00
N ILE B 258 -7.52 8.57 -9.54
CA ILE B 258 -7.54 7.11 -9.52
C ILE B 258 -8.83 6.64 -10.14
N ILE B 259 -8.76 5.71 -11.06
CA ILE B 259 -9.94 5.03 -11.54
C ILE B 259 -9.82 3.53 -11.24
N VAL B 260 -10.85 2.97 -10.62
CA VAL B 260 -10.95 1.53 -10.40
C VAL B 260 -12.14 1.04 -11.19
N THR B 261 -11.90 0.06 -12.02
CA THR B 261 -12.85 -0.34 -13.01
C THR B 261 -13.09 -1.82 -12.84
N THR B 262 -14.37 -2.20 -12.69
CA THR B 262 -14.79 -3.52 -12.26
C THR B 262 -15.91 -4.18 -13.07
N ALA B 263 -16.28 -3.64 -14.24
CA ALA B 263 -17.47 -4.16 -15.00
C ALA B 263 -17.15 -5.41 -15.83
N LEU B 264 -17.75 -6.56 -15.48
CA LEU B 264 -17.18 -7.86 -15.91
C LEU B 264 -18.15 -9.05 -15.80
N ILE B 265 -18.03 -9.98 -16.76
CA ILE B 265 -18.81 -11.26 -16.88
C ILE B 265 -20.37 -11.17 -16.98
N PRO B 266 -20.98 -10.13 -17.58
CA PRO B 266 -22.39 -10.29 -17.98
C PRO B 266 -22.56 -11.75 -18.53
N GLY B 267 -21.66 -12.11 -19.46
CA GLY B 267 -21.37 -13.48 -19.89
C GLY B 267 -20.52 -13.38 -21.15
N LYS B 268 -19.36 -12.71 -21.03
CA LYS B 268 -18.80 -11.94 -22.16
C LYS B 268 -17.40 -11.32 -21.87
N PRO B 269 -16.60 -11.09 -22.92
CA PRO B 269 -15.44 -10.20 -22.84
C PRO B 269 -15.79 -8.82 -22.27
N ALA B 270 -14.86 -8.26 -21.50
CA ALA B 270 -15.03 -7.00 -20.78
C ALA B 270 -15.23 -5.82 -21.72
N PRO B 271 -16.25 -5.02 -21.46
CA PRO B 271 -16.52 -3.84 -22.29
C PRO B 271 -15.45 -2.74 -22.13
N LYS B 272 -14.90 -2.23 -23.24
CA LYS B 272 -13.96 -1.10 -23.18
C LYS B 272 -14.73 0.18 -22.81
N LEU B 273 -14.61 0.57 -21.56
CA LEU B 273 -15.23 1.77 -21.08
C LEU B 273 -14.25 2.94 -21.01
N ILE B 274 -12.96 2.65 -20.90
CA ILE B 274 -11.95 3.69 -20.76
C ILE B 274 -10.98 3.56 -21.88
N THR B 275 -10.99 4.53 -22.79
CA THR B 275 -10.27 4.45 -24.06
C THR B 275 -8.90 5.02 -23.89
N ARG B 276 -8.06 4.82 -24.91
CA ARG B 276 -6.72 5.38 -24.91
C ARG B 276 -6.77 6.89 -24.80
N GLU B 277 -7.78 7.50 -25.38
CA GLU B 277 -7.89 8.95 -25.41
C GLU B 277 -8.30 9.50 -24.03
N MET B 278 -9.15 8.78 -23.30
CA MET B 278 -9.44 9.13 -21.91
C MET B 278 -8.20 9.07 -21.02
N VAL B 279 -7.37 8.05 -21.16
CA VAL B 279 -6.18 7.91 -20.30
C VAL B 279 -5.14 8.98 -20.61
N ASP B 280 -4.96 9.27 -21.90
CA ASP B 280 -4.06 10.33 -22.36
C ASP B 280 -4.46 11.69 -21.83
N SER B 281 -5.74 11.86 -21.50
CA SER B 281 -6.21 13.12 -20.93
C SER B 281 -5.91 13.34 -19.46
N MET B 282 -5.60 12.30 -18.71
CA MET B 282 -5.48 12.43 -17.24
C MET B 282 -4.19 13.11 -16.82
N LYS B 283 -4.20 13.71 -15.63
CA LYS B 283 -2.98 14.30 -15.07
C LYS B 283 -1.92 13.20 -14.91
N ALA B 284 -0.68 13.58 -15.14
CA ALA B 284 0.47 12.72 -14.99
C ALA B 284 0.48 12.15 -13.57
N GLY B 285 0.80 10.85 -13.45
CA GLY B 285 0.87 10.17 -12.15
C GLY B 285 -0.44 9.60 -11.65
N SER B 286 -1.49 9.72 -12.44
CA SER B 286 -2.73 9.08 -12.12
C SER B 286 -2.56 7.55 -12.18
N VAL B 287 -3.46 6.84 -11.49
CA VAL B 287 -3.51 5.35 -11.54
C VAL B 287 -4.89 4.84 -11.94
N ILE B 288 -4.87 3.83 -12.81
CA ILE B 288 -6.05 3.06 -13.20
C ILE B 288 -5.85 1.65 -12.73
N VAL B 289 -6.73 1.15 -11.89
CA VAL B 289 -6.72 -0.27 -11.62
C VAL B 289 -7.84 -0.96 -12.37
N ASP B 290 -7.46 -1.87 -13.26
CA ASP B 290 -8.42 -2.54 -14.14
C ASP B 290 -8.65 -4.01 -13.69
N LEU B 291 -9.68 -4.19 -12.85
CA LEU B 291 -10.07 -5.51 -12.32
C LEU B 291 -10.78 -6.38 -13.33
N ALA B 292 -11.14 -5.88 -14.50
CA ALA B 292 -11.72 -6.76 -15.50
C ALA B 292 -10.66 -7.26 -16.48
N ALA B 293 -9.40 -7.17 -16.09
CA ALA B 293 -8.27 -7.54 -16.94
C ALA B 293 -8.26 -9.00 -17.44
N GLN B 294 -8.72 -9.93 -16.60
CA GLN B 294 -8.74 -11.35 -16.99
C GLN B 294 -9.68 -11.61 -18.18
N ASN B 295 -10.59 -10.68 -18.47
CA ASN B 295 -11.40 -10.77 -19.70
C ASN B 295 -11.07 -9.63 -20.68
N GLY B 296 -9.80 -9.26 -20.74
CA GLY B 296 -9.36 -8.19 -21.64
C GLY B 296 -9.56 -6.77 -21.14
N GLY B 297 -10.11 -6.57 -19.94
CA GLY B 297 -10.08 -5.30 -19.24
C GLY B 297 -11.07 -4.28 -19.77
N ASN B 298 -11.50 -3.37 -18.89
CA ASN B 298 -12.34 -2.22 -19.24
C ASN B 298 -11.51 -1.10 -19.83
N CYS B 299 -10.18 -1.17 -19.73
CA CYS B 299 -9.32 -0.10 -20.21
C CYS B 299 -8.51 -0.56 -21.43
N GLU B 300 -8.41 0.29 -22.46
CA GLU B 300 -7.78 -0.05 -23.73
C GLU B 300 -6.28 -0.19 -23.58
N TYR B 301 -5.71 0.48 -22.57
CA TYR B 301 -4.28 0.36 -22.31
C TYR B 301 -3.92 -0.83 -21.44
N THR B 302 -4.89 -1.61 -21.01
CA THR B 302 -4.56 -2.66 -20.06
C THR B 302 -3.74 -3.79 -20.72
N VAL B 303 -2.67 -4.18 -20.05
CA VAL B 303 -1.92 -5.36 -20.42
C VAL B 303 -2.12 -6.36 -19.28
N PRO B 304 -2.95 -7.38 -19.49
CA PRO B 304 -3.28 -8.37 -18.44
C PRO B 304 -2.04 -8.94 -17.77
N GLY B 305 -2.07 -9.02 -16.45
CA GLY B 305 -0.91 -9.48 -15.68
C GLY B 305 0.23 -8.49 -15.43
N GLU B 306 0.04 -7.22 -15.81
CA GLU B 306 1.11 -6.22 -15.72
C GLU B 306 0.62 -4.82 -15.38
N ILE B 307 1.59 -3.97 -14.99
CA ILE B 307 1.44 -2.53 -15.05
C ILE B 307 2.06 -2.00 -16.33
N PHE B 308 1.26 -1.23 -17.05
CA PHE B 308 1.69 -0.51 -18.22
C PHE B 308 1.68 1.00 -17.87
N THR B 309 2.77 1.69 -18.18
CA THR B 309 2.81 3.13 -17.96
C THR B 309 2.68 3.88 -19.27
N THR B 310 1.63 4.69 -19.41
CA THR B 310 1.45 5.49 -20.63
C THR B 310 2.54 6.55 -20.81
N GLU B 311 2.60 7.10 -22.01
CA GLU B 311 3.60 8.12 -22.30
C GLU B 311 3.36 9.39 -21.47
N ASN B 312 2.09 9.66 -21.15
CA ASN B 312 1.74 10.82 -20.29
C ASN B 312 1.78 10.55 -18.76
N GLY B 313 2.30 9.38 -18.35
CA GLY B 313 2.59 9.08 -16.94
C GLY B 313 1.50 8.42 -16.11
N VAL B 314 0.54 7.76 -16.76
CA VAL B 314 -0.53 7.08 -16.03
C VAL B 314 -0.21 5.61 -15.93
N LYS B 315 -0.23 5.08 -14.72
CA LYS B 315 0.01 3.68 -14.49
C LYS B 315 -1.30 2.91 -14.56
N VAL B 316 -1.40 1.98 -15.50
CA VAL B 316 -2.57 1.18 -15.74
C VAL B 316 -2.31 -0.23 -15.20
N ILE B 317 -2.89 -0.54 -14.05
CA ILE B 317 -2.64 -1.82 -13.35
C ILE B 317 -3.61 -2.90 -13.83
N GLY B 318 -3.04 -3.94 -14.43
CA GLY B 318 -3.85 -5.03 -14.97
C GLY B 318 -3.64 -6.39 -14.36
N TYR B 319 -3.21 -6.47 -13.09
CA TYR B 319 -3.12 -7.74 -12.36
C TYR B 319 -4.43 -8.52 -12.45
N THR B 320 -4.33 -9.83 -12.66
CA THR B 320 -5.48 -10.70 -12.75
C THR B 320 -5.52 -11.61 -11.56
N ASP B 321 -4.69 -11.37 -10.56
CA ASP B 321 -4.62 -12.24 -9.39
C ASP B 321 -4.63 -11.36 -8.11
N LEU B 322 -5.54 -10.41 -8.07
CA LEU B 322 -5.61 -9.52 -6.89
C LEU B 322 -5.88 -10.31 -5.58
N PRO B 323 -6.74 -11.30 -5.61
CA PRO B 323 -6.95 -12.16 -4.45
C PRO B 323 -5.71 -12.92 -4.02
N GLY B 324 -4.92 -13.39 -4.97
CA GLY B 324 -3.65 -14.01 -4.68
C GLY B 324 -2.63 -13.04 -4.18
N ARG B 325 -2.86 -11.75 -4.37
CA ARG B 325 -2.02 -10.75 -3.71
C ARG B 325 -2.50 -10.34 -2.31
N LEU B 326 -3.63 -10.88 -1.86
CA LEU B 326 -4.03 -10.85 -0.45
C LEU B 326 -4.29 -12.29 0.02
N PRO B 327 -3.27 -13.14 -0.04
CA PRO B 327 -3.48 -14.58 0.07
C PRO B 327 -4.05 -15.13 1.38
N THR B 328 -3.65 -14.56 2.51
CA THR B 328 -4.15 -14.99 3.80
C THR B 328 -5.64 -14.71 3.90
N GLN B 329 -6.05 -13.50 3.52
CA GLN B 329 -7.46 -13.14 3.59
C GLN B 329 -8.29 -13.92 2.61
N SER B 330 -7.79 -14.09 1.39
CA SER B 330 -8.48 -14.86 0.37
C SER B 330 -8.62 -16.32 0.78
N SER B 331 -7.62 -16.89 1.42
CA SER B 331 -7.73 -18.28 1.85
C SER B 331 -8.73 -18.41 2.97
N GLN B 332 -8.78 -17.43 3.86
CA GLN B 332 -9.68 -17.49 5.03
C GLN B 332 -11.13 -17.38 4.58
N LEU B 333 -11.45 -16.43 3.72
CA LEU B 333 -12.84 -16.29 3.27
C LEU B 333 -13.26 -17.41 2.34
N TYR B 334 -12.43 -17.72 1.33
CA TYR B 334 -12.70 -18.89 0.50
C TYR B 334 -12.87 -20.15 1.35
N GLY B 335 -11.98 -20.38 2.29
CA GLY B 335 -12.07 -21.55 3.13
C GLY B 335 -13.32 -21.61 4.00
N THR B 336 -13.77 -20.46 4.44
CA THR B 336 -15.05 -20.36 5.16
C THR B 336 -16.20 -20.65 4.22
N ASN B 337 -16.17 -20.14 3.00
CA ASN B 337 -17.13 -20.50 1.99
C ASN B 337 -17.29 -22.03 1.88
N LEU B 338 -16.16 -22.75 1.95
CA LEU B 338 -16.15 -24.21 1.81
C LEU B 338 -16.75 -24.88 3.05
N VAL B 339 -16.42 -24.38 4.24
CA VAL B 339 -17.05 -24.83 5.49
C VAL B 339 -18.60 -24.67 5.43
N ASN B 340 -19.05 -23.53 4.94
CA ASN B 340 -20.46 -23.26 4.81
C ASN B 340 -21.16 -24.16 3.81
N LEU B 341 -20.46 -24.59 2.76
CA LEU B 341 -20.99 -25.58 1.84
C LEU B 341 -21.09 -26.92 2.54
N LEU B 342 -20.05 -27.28 3.29
CA LEU B 342 -20.06 -28.53 4.01
C LEU B 342 -21.07 -28.58 5.16
N LYS B 343 -21.45 -27.42 5.73
CA LYS B 343 -22.50 -27.38 6.77
C LYS B 343 -23.88 -27.67 6.16
N LEU B 344 -24.03 -27.36 4.90
CA LEU B 344 -25.18 -27.76 4.14
C LEU B 344 -25.19 -29.24 3.86
N LEU B 345 -24.06 -29.80 3.50
CA LEU B 345 -23.97 -31.18 3.04
C LEU B 345 -23.88 -32.14 4.20
N CYS B 346 -23.65 -31.61 5.39
CA CYS B 346 -23.38 -32.42 6.57
C CYS B 346 -24.16 -31.88 7.79
N LYS B 347 -25.47 -32.07 7.77
CA LYS B 347 -26.36 -31.53 8.81
C LYS B 347 -26.19 -32.22 10.17
N GLU B 348 -25.84 -33.49 10.17
CA GLU B 348 -25.61 -34.23 11.42
C GLU B 348 -24.21 -34.10 12.07
N LYS B 349 -23.25 -33.49 11.39
CA LYS B 349 -21.92 -33.25 11.94
C LYS B 349 -21.19 -34.53 12.28
N ASP B 350 -21.35 -35.51 11.39
CA ASP B 350 -20.79 -36.85 11.57
C ASP B 350 -19.80 -37.21 10.46
N GLY B 351 -19.35 -36.21 9.70
CA GLY B 351 -18.28 -36.42 8.71
C GLY B 351 -18.78 -37.01 7.42
N ASN B 352 -20.02 -36.71 7.09
CA ASN B 352 -20.80 -37.45 6.12
C ASN B 352 -21.49 -36.51 5.15
N ILE B 353 -21.09 -36.58 3.88
CA ILE B 353 -21.68 -35.79 2.83
C ILE B 353 -23.04 -36.41 2.45
N THR B 354 -24.07 -35.59 2.36
CA THR B 354 -25.33 -36.02 1.76
C THR B 354 -25.75 -34.95 0.80
N VAL B 355 -25.97 -35.33 -0.46
CA VAL B 355 -26.26 -34.40 -1.52
C VAL B 355 -27.76 -34.31 -1.79
N ASP B 356 -28.38 -33.18 -1.50
CA ASP B 356 -29.84 -33.09 -1.62
C ASP B 356 -30.23 -32.13 -2.76
N PHE B 357 -30.71 -32.71 -3.86
CA PHE B 357 -30.98 -31.97 -5.08
C PHE B 357 -32.31 -31.21 -5.00
N ASP B 358 -33.09 -31.41 -3.94
CA ASP B 358 -34.29 -30.57 -3.75
C ASP B 358 -33.91 -29.16 -3.33
N ASP B 359 -32.68 -29.00 -2.83
CA ASP B 359 -32.18 -27.70 -2.42
C ASP B 359 -31.44 -27.10 -3.59
N VAL B 360 -32.01 -26.04 -4.18
CA VAL B 360 -31.50 -25.48 -5.42
C VAL B 360 -30.05 -25.01 -5.37
N VAL B 361 -29.55 -24.70 -4.16
CA VAL B 361 -28.17 -24.23 -3.97
C VAL B 361 -27.24 -25.40 -4.23
N ILE B 362 -27.57 -26.56 -3.67
CA ILE B 362 -26.82 -27.81 -3.89
C ILE B 362 -26.99 -28.30 -5.31
N ARG B 363 -28.20 -28.26 -5.87
CA ARG B 363 -28.35 -28.62 -7.27
C ARG B 363 -27.42 -27.80 -8.22
N GLY B 364 -27.36 -26.50 -8.02
CA GLY B 364 -26.50 -25.64 -8.83
C GLY B 364 -25.01 -25.95 -8.73
N VAL B 365 -24.53 -26.09 -7.51
CA VAL B 365 -23.12 -26.30 -7.25
C VAL B 365 -22.65 -27.72 -7.61
N THR B 366 -23.55 -28.69 -7.57
CA THR B 366 -23.19 -30.06 -7.94
C THR B 366 -23.15 -30.20 -9.49
N VAL B 367 -21.94 -30.20 -10.02
CA VAL B 367 -21.74 -30.30 -11.44
C VAL B 367 -21.47 -31.75 -11.87
N ILE B 368 -21.06 -32.60 -10.95
CA ILE B 368 -20.95 -34.00 -11.24
C ILE B 368 -21.38 -34.72 -9.99
N ARG B 369 -22.09 -35.82 -10.15
CA ARG B 369 -22.56 -36.59 -9.01
C ARG B 369 -22.31 -38.08 -9.25
N ALA B 370 -21.40 -38.62 -8.48
CA ALA B 370 -20.99 -40.03 -8.61
C ALA B 370 -20.84 -40.41 -10.08
N GLY B 371 -19.99 -39.70 -10.80
CA GLY B 371 -19.65 -40.05 -12.16
C GLY B 371 -20.58 -39.53 -13.24
N GLU B 372 -21.74 -38.98 -12.87
CA GLU B 372 -22.66 -38.40 -13.87
C GLU B 372 -22.62 -36.87 -13.91
N ILE B 373 -22.50 -36.30 -15.09
CA ILE B 373 -22.46 -34.87 -15.24
C ILE B 373 -23.87 -34.34 -15.03
N THR B 374 -24.01 -33.50 -14.02
CA THR B 374 -25.30 -32.91 -13.68
C THR B 374 -25.34 -31.43 -13.96
N TRP B 375 -24.39 -30.92 -14.76
CA TRP B 375 -24.35 -29.51 -15.14
C TRP B 375 -24.79 -29.53 -16.61
N PRO B 376 -25.57 -28.56 -17.08
CA PRO B 376 -26.04 -27.39 -16.32
C PRO B 376 -27.31 -27.75 -15.50
N ALA B 377 -27.51 -27.10 -14.35
CA ALA B 377 -28.72 -27.28 -13.55
C ALA B 377 -29.87 -26.68 -14.31
N PRO B 378 -31.10 -27.14 -14.02
CA PRO B 378 -32.28 -26.57 -14.68
C PRO B 378 -32.38 -25.06 -14.39
N PRO B 379 -33.03 -24.32 -15.27
CA PRO B 379 -33.08 -22.85 -15.13
C PRO B 379 -33.69 -22.43 -13.81
N ILE B 380 -33.17 -21.37 -13.21
CA ILE B 380 -33.77 -20.77 -12.03
C ILE B 380 -33.84 -19.24 -12.23
N GLN B 381 -34.47 -18.56 -11.26
CA GLN B 381 -34.68 -17.11 -11.31
C GLN B 381 -33.74 -16.42 -10.33
#